data_5GZH
#
_entry.id   5GZH
#
_cell.length_a   90.965
_cell.length_b   90.965
_cell.length_c   124.086
_cell.angle_alpha   90.00
_cell.angle_beta   90.00
_cell.angle_gamma   120.00
#
_symmetry.space_group_name_H-M   'P 31'
#
loop_
_entity.id
_entity.type
_entity.pdbx_description
1 polymer Endo-beta-1,2-glucanase
2 branched alpha-D-glucopyranose-(1-1)-alpha-D-glucopyranose
3 non-polymer 'IODIDE ION'
4 water water
#
_entity_poly.entity_id   1
_entity_poly.type   'polypeptide(L)'
_entity_poly.pdbx_seq_one_letter_code
;MMSCGGSSSHQSTKDSTATDTLALSADSIFNIVEEQTFQYFWDGAEPVSGMARERYHVDGNYPENDMNVVTSGGSGFGVM
ALLVGIERGYISREQGLERLMKIVSFLEKADRFHGAWPHWLYGETGKVKPFGQKDNGGDLVETSFMIQGLLCVRQYFANG
NEQEKALAARIDQLWKAVEFSWYRNGKNVLYWHWSPNYKWQMNFPVTGYNECLIMYILAAASPTHGIPAEVYHEGWAKSG
AIKDSINAYGHTLKLSHNFAKEYGGPLFWSHYSYLGLDPHGLKDRYADYWENNLNHVLINREWCIQNPKHYKGYGPDSWG
LTASYSVKGYAAHAPGENNDLGVISPTAALSSMPYTPEYSKQAMVHWYNDMRTKIFGKYGFYDAFSETENWYPQQYLAID
QGPIVVMMENYRSGLLWKLFMSCPEVQAGLKKLDFQSPYLKLEHHHHHH
;
_entity_poly.pdbx_strand_id   A,B
#
# COMPACT_ATOMS: atom_id res chain seq x y z
N LEU A 24 -2.24 19.39 17.49
CA LEU A 24 -2.81 19.01 16.14
C LEU A 24 -2.86 17.50 15.92
N SER A 25 -3.81 17.12 15.06
CA SER A 25 -4.01 15.72 14.69
C SER A 25 -2.93 15.25 13.72
N ALA A 26 -2.71 13.93 13.72
CA ALA A 26 -1.84 13.26 12.76
C ALA A 26 -2.12 13.64 11.29
N ASP A 27 -3.39 13.69 10.87
CA ASP A 27 -3.73 13.95 9.47
C ASP A 27 -3.32 15.37 9.07
N SER A 28 -3.54 16.33 9.96
CA SER A 28 -3.12 17.72 9.67
C SER A 28 -1.60 17.91 9.66
N ILE A 29 -0.94 17.30 10.61
CA ILE A 29 0.50 17.39 10.70
C ILE A 29 1.13 16.74 9.46
N PHE A 30 0.62 15.58 9.05
CA PHE A 30 1.15 14.93 7.82
C PHE A 30 1.19 15.89 6.66
N ASN A 31 0.09 16.58 6.40
CA ASN A 31 0.06 17.51 5.26
C ASN A 31 1.05 18.67 5.37
N ILE A 32 1.15 19.26 6.56
CA ILE A 32 2.08 20.36 6.86
C ILE A 32 3.54 19.89 6.66
N VAL A 33 3.85 18.75 7.23
CA VAL A 33 5.19 18.16 7.08
C VAL A 33 5.54 17.89 5.61
N GLU A 34 4.61 17.25 4.88
CA GLU A 34 4.92 16.91 3.47
C GLU A 34 5.16 18.18 2.66
N GLU A 35 4.28 19.18 2.86
CA GLU A 35 4.35 20.37 2.03
C GLU A 35 5.60 21.19 2.34
N GLN A 36 5.91 21.34 3.61
CA GLN A 36 7.05 22.14 4.02
C GLN A 36 8.34 21.47 3.55
N THR A 37 8.40 20.14 3.57
CA THR A 37 9.62 19.41 3.19
C THR A 37 9.80 19.52 1.69
N PHE A 38 8.69 19.48 0.96
CA PHE A 38 8.70 19.74 -0.46
C PHE A 38 9.49 21.03 -0.81
N GLN A 39 9.34 22.08 0.02
CA GLN A 39 9.88 23.38 -0.35
C GLN A 39 11.38 23.40 -0.44
N TYR A 40 12.06 22.40 0.17
CA TYR A 40 13.49 22.17 -0.06
C TYR A 40 13.83 22.21 -1.52
N PHE A 41 12.96 21.64 -2.34
CA PHE A 41 13.20 21.38 -3.75
C PHE A 41 12.57 22.47 -4.65
N TRP A 42 11.78 23.36 -4.04
CA TRP A 42 11.15 24.45 -4.76
C TRP A 42 11.89 25.75 -4.44
N ASP A 43 11.53 26.42 -3.34
N ASP A 43 11.52 26.44 -3.36
CA ASP A 43 12.16 27.66 -2.85
CA ASP A 43 12.17 27.68 -2.99
C ASP A 43 13.66 27.46 -2.63
C ASP A 43 13.67 27.47 -2.64
N GLY A 44 14.03 26.31 -2.08
CA GLY A 44 15.43 26.00 -1.77
C GLY A 44 16.34 25.52 -2.87
N ALA A 45 15.80 25.35 -4.05
CA ALA A 45 16.56 24.92 -5.18
C ALA A 45 17.62 25.90 -5.62
N GLU A 46 18.69 25.39 -6.20
CA GLU A 46 19.65 26.30 -6.85
C GLU A 46 18.97 26.98 -8.08
N PRO A 47 19.07 28.33 -8.17
CA PRO A 47 18.16 28.97 -9.12
C PRO A 47 18.52 28.86 -10.57
N VAL A 48 19.80 28.71 -10.92
CA VAL A 48 20.21 28.63 -12.35
C VAL A 48 19.84 27.29 -12.95
N SER A 49 20.24 26.24 -12.24
CA SER A 49 19.95 24.86 -12.67
C SER A 49 18.54 24.30 -12.37
N GLY A 50 17.93 24.78 -11.31
CA GLY A 50 16.71 24.27 -10.75
C GLY A 50 16.89 22.97 -9.95
N MET A 51 18.14 22.52 -9.85
CA MET A 51 18.54 21.31 -9.12
C MET A 51 18.58 21.50 -7.59
N ALA A 52 18.57 20.37 -6.90
CA ALA A 52 18.62 20.30 -5.46
C ALA A 52 20.04 20.60 -4.97
N ARG A 53 20.11 21.56 -4.06
CA ARG A 53 21.40 21.82 -3.36
C ARG A 53 21.86 20.62 -2.56
N GLU A 54 23.17 20.32 -2.57
CA GLU A 54 23.68 19.34 -1.63
C GLU A 54 23.21 19.65 -0.24
N ARG A 55 23.27 20.93 0.16
CA ARG A 55 22.92 21.34 1.47
C ARG A 55 22.33 22.75 1.50
N TYR A 56 21.58 23.00 2.55
CA TYR A 56 21.02 24.31 2.83
C TYR A 56 21.14 24.61 4.36
N HIS A 57 21.76 25.76 4.69
CA HIS A 57 22.10 26.13 6.05
C HIS A 57 21.35 27.39 6.28
N VAL A 58 20.40 27.35 7.22
CA VAL A 58 19.43 28.42 7.42
C VAL A 58 20.18 29.72 7.83
N ASP A 59 21.27 29.60 8.58
CA ASP A 59 22.09 30.81 8.92
C ASP A 59 22.90 31.43 7.77
N GLY A 60 22.87 30.87 6.56
CA GLY A 60 23.67 31.38 5.42
C GLY A 60 25.16 31.19 5.51
N ASN A 61 25.65 30.48 6.51
CA ASN A 61 27.06 30.16 6.68
C ASN A 61 27.44 28.78 6.09
N TYR A 62 28.23 28.82 5.02
CA TYR A 62 28.72 27.64 4.34
C TYR A 62 30.22 27.60 4.51
N PRO A 63 30.70 26.71 5.42
CA PRO A 63 32.14 26.51 5.66
C PRO A 63 32.94 26.34 4.38
N GLU A 64 32.38 25.58 3.41
CA GLU A 64 33.09 25.25 2.16
C GLU A 64 32.73 26.14 0.94
N ASN A 65 32.11 27.31 1.13
CA ASN A 65 31.57 28.17 0.01
C ASN A 65 30.86 27.41 -1.10
N ASP A 66 30.03 26.47 -0.70
CA ASP A 66 29.55 25.47 -1.63
C ASP A 66 28.03 25.46 -1.74
N MET A 67 27.39 26.60 -1.44
CA MET A 67 25.92 26.65 -1.39
C MET A 67 25.28 26.28 -2.71
N ASN A 68 25.90 26.64 -3.81
CA ASN A 68 25.34 26.30 -5.14
C ASN A 68 25.88 25.09 -5.85
N VAL A 69 26.51 24.21 -5.09
CA VAL A 69 26.86 22.90 -5.63
C VAL A 69 25.60 22.03 -5.50
N VAL A 70 25.27 21.35 -6.60
CA VAL A 70 24.02 20.59 -6.67
C VAL A 70 24.37 19.09 -6.65
N THR A 71 23.47 18.31 -6.06
CA THR A 71 23.64 16.85 -5.99
C THR A 71 22.89 16.13 -7.07
N SER A 72 23.58 15.33 -7.89
CA SER A 72 22.90 14.61 -8.89
C SER A 72 21.90 13.55 -8.30
N GLY A 73 22.31 12.82 -7.28
CA GLY A 73 21.36 11.85 -6.64
C GLY A 73 20.18 12.50 -5.88
N GLY A 74 20.49 13.49 -5.12
CA GLY A 74 19.49 14.19 -4.37
C GLY A 74 18.51 14.91 -5.30
N SER A 75 19.01 15.36 -6.45
CA SER A 75 18.13 15.96 -7.45
C SER A 75 17.24 14.93 -8.12
N GLY A 76 17.67 13.67 -8.16
CA GLY A 76 16.81 12.56 -8.52
C GLY A 76 15.61 12.48 -7.59
N PHE A 77 15.87 12.57 -6.30
CA PHE A 77 14.79 12.58 -5.39
C PHE A 77 13.93 13.83 -5.61
N GLY A 78 14.62 14.96 -5.88
CA GLY A 78 13.92 16.25 -6.04
C GLY A 78 12.97 16.30 -7.23
N VAL A 79 13.33 15.66 -8.34
CA VAL A 79 12.35 15.67 -9.50
C VAL A 79 11.10 14.86 -9.16
N MET A 80 11.28 13.80 -8.38
CA MET A 80 10.13 13.09 -7.87
C MET A 80 9.27 13.99 -6.94
N ALA A 81 9.92 14.74 -6.08
CA ALA A 81 9.22 15.66 -5.18
C ALA A 81 8.48 16.70 -6.02
N LEU A 82 9.04 17.13 -7.14
CA LEU A 82 8.32 18.09 -8.01
C LEU A 82 7.00 17.54 -8.52
N LEU A 83 6.95 16.27 -8.87
CA LEU A 83 5.73 15.59 -9.27
C LEU A 83 4.72 15.54 -8.13
N VAL A 84 5.17 15.25 -6.89
CA VAL A 84 4.31 15.29 -5.75
C VAL A 84 3.74 16.71 -5.61
N GLY A 85 4.58 17.73 -5.81
CA GLY A 85 4.06 19.09 -5.60
C GLY A 85 2.99 19.44 -6.62
N ILE A 86 3.20 19.03 -7.87
CA ILE A 86 2.12 19.22 -8.87
C ILE A 86 0.85 18.50 -8.44
N GLU A 87 0.95 17.18 -8.17
CA GLU A 87 -0.22 16.40 -7.70
C GLU A 87 -0.96 16.93 -6.51
N ARG A 88 -0.21 17.41 -5.54
CA ARG A 88 -0.77 17.87 -4.27
C ARG A 88 -1.20 19.34 -4.34
N GLY A 89 -0.87 20.02 -5.43
CA GLY A 89 -1.20 21.46 -5.50
C GLY A 89 -0.28 22.33 -4.74
N TYR A 90 0.93 21.86 -4.38
CA TYR A 90 1.92 22.73 -3.78
C TYR A 90 2.44 23.74 -4.82
N ILE A 91 2.48 23.32 -6.08
CA ILE A 91 2.79 24.11 -7.26
C ILE A 91 1.80 23.77 -8.33
N SER A 92 1.73 24.62 -9.33
CA SER A 92 0.89 24.36 -10.47
C SER A 92 1.56 23.46 -11.48
N ARG A 93 0.80 22.87 -12.37
CA ARG A 93 1.40 22.06 -13.45
C ARG A 93 2.34 22.88 -14.35
N GLU A 94 1.95 24.12 -14.68
CA GLU A 94 2.87 24.98 -15.36
C GLU A 94 4.17 25.33 -14.64
N GLN A 95 4.14 25.61 -13.35
CA GLN A 95 5.34 25.77 -12.52
C GLN A 95 6.26 24.52 -12.63
N GLY A 96 5.64 23.36 -12.42
CA GLY A 96 6.37 22.06 -12.49
C GLY A 96 7.00 21.81 -13.81
N LEU A 97 6.27 22.10 -14.89
CA LEU A 97 6.82 21.94 -16.20
C LEU A 97 7.98 22.91 -16.48
N GLU A 98 7.86 24.21 -16.13
CA GLU A 98 8.92 25.14 -16.36
C GLU A 98 10.18 24.71 -15.60
N ARG A 99 9.98 24.30 -14.35
CA ARG A 99 11.14 23.86 -13.50
C ARG A 99 11.81 22.65 -14.08
N LEU A 100 11.02 21.66 -14.45
CA LEU A 100 11.58 20.41 -14.96
C LEU A 100 12.24 20.59 -16.32
N MET A 101 11.69 21.50 -17.12
CA MET A 101 12.41 21.93 -18.33
C MET A 101 13.76 22.59 -18.02
N LYS A 102 13.84 23.41 -16.98
CA LYS A 102 15.08 24.05 -16.61
C LYS A 102 16.12 22.96 -16.19
N ILE A 103 15.66 22.05 -15.36
CA ILE A 103 16.49 20.91 -14.89
C ILE A 103 16.99 20.03 -16.01
N VAL A 104 16.14 19.58 -16.89
CA VAL A 104 16.49 18.76 -18.03
C VAL A 104 17.46 19.52 -18.94
N SER A 105 17.22 20.83 -19.13
CA SER A 105 18.15 21.67 -19.97
C SER A 105 19.55 21.64 -19.37
N PHE A 106 19.60 21.83 -18.06
CA PHE A 106 20.85 21.79 -17.29
C PHE A 106 21.55 20.43 -17.45
N LEU A 107 20.80 19.36 -17.23
CA LEU A 107 21.36 18.00 -17.33
C LEU A 107 21.85 17.62 -18.71
N GLU A 108 21.20 18.10 -19.76
CA GLU A 108 21.66 17.87 -21.14
C GLU A 108 23.02 18.49 -21.45
N LYS A 109 23.30 19.61 -20.82
CA LYS A 109 24.52 20.33 -21.06
C LYS A 109 25.60 19.99 -20.06
N ALA A 110 25.20 19.41 -18.92
CA ALA A 110 26.14 19.20 -17.84
C ALA A 110 27.13 18.13 -18.20
N ASP A 111 28.28 18.21 -17.55
CA ASP A 111 29.27 17.18 -17.65
C ASP A 111 28.66 15.76 -17.50
N ARG A 112 28.93 14.88 -18.48
CA ARG A 112 28.58 13.46 -18.45
C ARG A 112 29.79 12.64 -18.84
N PHE A 113 29.89 11.44 -18.27
CA PHE A 113 31.07 10.56 -18.43
C PHE A 113 30.53 9.21 -18.81
N HIS A 114 30.65 8.85 -20.08
CA HIS A 114 29.97 7.74 -20.62
C HIS A 114 28.44 7.77 -20.24
N GLY A 115 27.87 8.95 -20.31
CA GLY A 115 26.42 9.09 -20.07
C GLY A 115 26.05 9.33 -18.62
N ALA A 116 26.98 9.16 -17.66
CA ALA A 116 26.68 9.35 -16.24
C ALA A 116 27.09 10.72 -15.77
N TRP A 117 26.17 11.38 -15.04
CA TRP A 117 26.53 12.58 -14.35
C TRP A 117 27.51 12.27 -13.21
N PRO A 118 28.28 13.28 -12.77
CA PRO A 118 29.16 13.15 -11.61
C PRO A 118 28.31 13.30 -10.38
N HIS A 119 28.91 13.02 -9.23
CA HIS A 119 28.25 13.15 -7.94
C HIS A 119 27.75 14.59 -7.65
N TRP A 120 28.64 15.57 -7.94
CA TRP A 120 28.39 16.96 -7.73
C TRP A 120 28.61 17.73 -9.03
N LEU A 121 27.70 18.67 -9.29
CA LEU A 121 27.86 19.68 -10.29
C LEU A 121 27.80 21.07 -9.71
N TYR A 122 28.55 22.02 -10.36
CA TYR A 122 28.31 23.44 -9.99
C TYR A 122 26.98 23.83 -10.65
N GLY A 123 26.00 24.25 -9.86
CA GLY A 123 24.68 24.63 -10.38
C GLY A 123 24.73 25.76 -11.43
N GLU A 124 25.64 26.69 -11.21
CA GLU A 124 25.76 27.84 -12.14
C GLU A 124 26.44 27.51 -13.48
N THR A 125 27.23 26.42 -13.57
CA THR A 125 27.97 26.13 -14.82
C THR A 125 27.79 24.77 -15.46
N GLY A 126 27.27 23.81 -14.68
CA GLY A 126 27.13 22.44 -15.18
C GLY A 126 28.43 21.64 -15.21
N LYS A 127 29.50 22.16 -14.58
CA LYS A 127 30.79 21.38 -14.57
C LYS A 127 30.89 20.57 -13.32
N VAL A 128 31.57 19.46 -13.46
CA VAL A 128 31.83 18.59 -12.32
C VAL A 128 32.51 19.34 -11.21
N LYS A 129 32.11 19.09 -9.97
CA LYS A 129 32.93 19.36 -8.82
C LYS A 129 33.42 17.99 -8.25
N PRO A 130 34.71 17.74 -8.24
CA PRO A 130 35.17 16.47 -7.74
C PRO A 130 34.68 16.23 -6.29
N PHE A 131 34.24 15.01 -6.02
CA PHE A 131 33.80 14.63 -4.72
C PHE A 131 35.04 13.90 -4.14
N GLY A 132 36.11 14.62 -3.88
CA GLY A 132 37.33 13.90 -3.55
C GLY A 132 38.08 13.87 -4.83
N GLN A 133 39.41 13.91 -4.72
CA GLN A 133 40.23 14.17 -5.90
C GLN A 133 39.98 13.21 -7.06
N LYS A 134 39.95 11.91 -6.82
CA LYS A 134 39.83 10.99 -7.89
C LYS A 134 38.37 10.77 -8.43
N ASP A 135 37.46 11.37 -7.76
CA ASP A 135 36.00 11.16 -8.04
C ASP A 135 35.59 12.45 -8.77
N ASN A 136 36.09 12.52 -10.00
CA ASN A 136 35.92 13.68 -10.93
C ASN A 136 35.27 13.36 -12.21
N GLY A 137 34.61 12.18 -12.29
CA GLY A 137 33.96 11.73 -13.46
C GLY A 137 32.58 11.19 -13.11
N GLY A 138 32.22 10.11 -13.76
CA GLY A 138 30.85 9.57 -13.66
C GLY A 138 30.65 8.95 -12.27
N ASP A 139 29.44 9.11 -11.75
CA ASP A 139 28.97 8.43 -10.53
C ASP A 139 27.66 7.70 -10.89
N LEU A 140 27.78 6.40 -11.12
CA LEU A 140 26.70 5.62 -11.69
C LEU A 140 25.59 5.43 -10.65
N VAL A 141 25.88 5.42 -9.35
CA VAL A 141 24.87 5.23 -8.36
C VAL A 141 24.00 6.49 -8.26
N GLU A 142 24.65 7.65 -8.22
CA GLU A 142 23.84 8.91 -8.13
C GLU A 142 23.09 9.15 -9.45
N THR A 143 23.72 8.76 -10.56
CA THR A 143 23.07 8.77 -11.88
C THR A 143 21.83 7.89 -11.86
N SER A 144 21.94 6.71 -11.25
CA SER A 144 20.77 5.80 -11.07
C SER A 144 19.65 6.44 -10.30
N PHE A 145 19.98 7.15 -9.19
CA PHE A 145 18.94 7.86 -8.45
C PHE A 145 18.29 8.94 -9.35
N MET A 146 19.12 9.64 -10.15
CA MET A 146 18.57 10.61 -11.08
C MET A 146 17.62 9.94 -12.07
N ILE A 147 18.07 8.84 -12.65
CA ILE A 147 17.28 8.16 -13.63
C ILE A 147 15.96 7.62 -13.05
N GLN A 148 15.98 7.06 -11.84
CA GLN A 148 14.74 6.60 -11.15
C GLN A 148 13.75 7.75 -11.10
N GLY A 149 14.25 8.97 -10.83
CA GLY A 149 13.31 10.12 -10.75
C GLY A 149 12.87 10.61 -12.13
N LEU A 150 13.81 10.75 -13.06
CA LEU A 150 13.49 11.22 -14.43
C LEU A 150 12.55 10.28 -15.13
N LEU A 151 12.67 8.99 -14.91
CA LEU A 151 11.72 8.05 -15.53
C LEU A 151 10.28 8.29 -15.03
N CYS A 152 10.14 8.64 -13.77
CA CYS A 152 8.81 8.98 -13.28
C CYS A 152 8.25 10.23 -13.99
N VAL A 153 9.08 11.26 -14.16
CA VAL A 153 8.70 12.44 -14.89
C VAL A 153 8.31 12.10 -16.33
N ARG A 154 9.09 11.21 -16.99
CA ARG A 154 8.80 10.78 -18.33
C ARG A 154 7.40 10.14 -18.44
N GLN A 155 7.09 9.25 -17.49
CA GLN A 155 5.77 8.60 -17.46
C GLN A 155 4.68 9.62 -17.12
N TYR A 156 4.96 10.55 -16.22
CA TYR A 156 3.95 11.54 -15.81
C TYR A 156 3.47 12.42 -17.03
N PHE A 157 4.40 12.79 -17.90
CA PHE A 157 4.15 13.79 -19.02
C PHE A 157 3.99 13.16 -20.36
N ALA A 158 4.19 11.86 -20.45
CA ALA A 158 4.20 11.16 -21.76
C ALA A 158 2.86 11.37 -22.58
N ASN A 159 1.74 11.56 -21.90
CA ASN A 159 0.46 11.83 -22.62
C ASN A 159 -0.12 13.25 -22.43
N GLY A 160 0.79 14.19 -22.26
CA GLY A 160 0.45 15.57 -21.94
C GLY A 160 0.30 16.37 -23.25
N ASN A 161 0.44 17.67 -23.08
CA ASN A 161 0.52 18.56 -24.22
C ASN A 161 1.85 18.41 -24.94
N GLU A 162 2.01 19.15 -26.01
CA GLU A 162 3.15 18.93 -26.89
C GLU A 162 4.46 19.26 -26.21
N GLN A 163 4.47 20.25 -25.34
CA GLN A 163 5.68 20.69 -24.68
C GLN A 163 6.05 19.67 -23.57
N GLU A 164 5.02 19.07 -23.01
CA GLU A 164 5.14 17.98 -21.99
C GLU A 164 5.65 16.74 -22.65
N LYS A 165 5.08 16.41 -23.80
CA LYS A 165 5.54 15.21 -24.53
C LYS A 165 6.98 15.38 -25.02
N ALA A 166 7.33 16.60 -25.43
CA ALA A 166 8.69 16.93 -25.79
C ALA A 166 9.66 16.76 -24.62
N LEU A 167 9.24 17.19 -23.45
CA LEU A 167 10.01 16.98 -22.24
C LEU A 167 10.26 15.49 -21.96
N ALA A 168 9.21 14.68 -22.01
CA ALA A 168 9.29 13.24 -21.82
C ALA A 168 10.28 12.59 -22.82
N ALA A 169 10.23 13.03 -24.06
CA ALA A 169 11.20 12.57 -25.05
C ALA A 169 12.64 12.98 -24.78
N ARG A 170 12.87 14.19 -24.32
CA ARG A 170 14.18 14.67 -23.94
C ARG A 170 14.71 13.83 -22.78
N ILE A 171 13.82 13.48 -21.88
CA ILE A 171 14.24 12.54 -20.77
C ILE A 171 14.57 11.15 -21.27
N ASP A 172 13.74 10.61 -22.15
CA ASP A 172 13.98 9.36 -22.79
C ASP A 172 15.38 9.28 -23.45
N GLN A 173 15.80 10.38 -24.10
CA GLN A 173 17.15 10.47 -24.65
C GLN A 173 18.25 10.44 -23.58
N LEU A 174 18.08 11.19 -22.51
CA LEU A 174 19.08 11.17 -21.39
C LEU A 174 19.22 9.76 -20.80
N TRP A 175 18.10 9.12 -20.61
CA TRP A 175 17.99 7.71 -20.11
C TRP A 175 18.74 6.76 -20.99
N LYS A 176 18.43 6.80 -22.26
CA LYS A 176 19.06 5.91 -23.22
C LYS A 176 20.58 6.12 -23.40
N ALA A 177 21.06 7.32 -23.10
CA ALA A 177 22.49 7.66 -23.15
C ALA A 177 23.31 7.21 -21.97
N VAL A 178 22.69 6.79 -20.87
CA VAL A 178 23.49 6.32 -19.71
C VAL A 178 24.12 4.96 -20.10
N GLU A 179 25.45 4.92 -20.14
CA GLU A 179 26.10 3.67 -20.58
C GLU A 179 26.40 2.77 -19.40
N PHE A 180 25.36 2.14 -18.86
CA PHE A 180 25.55 1.24 -17.72
C PHE A 180 26.59 0.15 -18.06
N SER A 181 26.52 -0.39 -19.28
CA SER A 181 27.42 -1.45 -19.78
C SER A 181 28.87 -1.00 -19.64
N TRP A 182 29.18 0.29 -19.87
CA TRP A 182 30.56 0.81 -19.76
C TRP A 182 31.19 0.59 -18.36
N TYR A 183 30.37 0.78 -17.33
CA TYR A 183 30.76 0.72 -15.93
C TYR A 183 31.05 -0.66 -15.41
N ARG A 184 30.85 -1.69 -16.23
CA ARG A 184 31.33 -3.01 -15.93
C ARG A 184 32.88 -3.12 -16.01
N ASN A 185 33.53 -2.23 -16.74
CA ASN A 185 34.97 -2.45 -17.11
C ASN A 185 35.23 -3.94 -17.50
N GLY A 186 34.33 -4.46 -18.30
CA GLY A 186 34.40 -5.80 -18.79
C GLY A 186 34.18 -6.97 -17.85
N LYS A 187 33.82 -6.72 -16.60
CA LYS A 187 33.65 -7.73 -15.58
C LYS A 187 32.17 -7.97 -15.29
N ASN A 188 31.87 -8.92 -14.41
CA ASN A 188 30.48 -9.27 -14.06
C ASN A 188 30.03 -8.57 -12.75
N VAL A 189 30.16 -7.26 -12.80
CA VAL A 189 29.78 -6.35 -11.76
C VAL A 189 29.72 -4.95 -12.33
N LEU A 190 29.18 -4.01 -11.55
CA LEU A 190 29.18 -2.60 -11.90
C LEU A 190 30.06 -1.84 -10.97
N TYR A 191 30.92 -0.97 -11.55
CA TYR A 191 31.69 -0.02 -10.78
C TYR A 191 30.93 1.25 -10.52
N TRP A 192 31.12 1.83 -9.36
CA TRP A 192 30.39 3.05 -8.99
C TRP A 192 30.91 4.27 -9.78
N HIS A 193 32.21 4.25 -10.13
CA HIS A 193 32.84 5.42 -10.73
C HIS A 193 33.63 5.11 -11.96
N TRP A 194 33.85 6.17 -12.74
CA TRP A 194 34.80 6.15 -13.86
C TRP A 194 35.23 7.59 -14.15
N SER A 195 36.53 7.75 -14.37
CA SER A 195 37.07 9.08 -14.65
C SER A 195 37.84 9.07 -15.96
N PRO A 196 37.74 10.17 -16.74
CA PRO A 196 38.54 10.24 -17.99
C PRO A 196 40.06 10.19 -17.73
N ASN A 197 40.53 10.67 -16.61
CA ASN A 197 42.00 10.61 -16.38
C ASN A 197 42.38 9.60 -15.30
N TYR A 198 41.57 9.48 -14.23
CA TYR A 198 41.81 8.48 -13.19
C TYR A 198 41.31 7.09 -13.54
N LYS A 199 40.63 6.99 -14.67
CA LYS A 199 40.21 5.75 -15.23
C LYS A 199 39.40 4.94 -14.15
N TRP A 200 39.84 3.74 -13.80
CA TRP A 200 39.09 2.87 -12.86
C TRP A 200 39.69 2.94 -11.41
N GLN A 201 40.52 3.96 -11.11
CA GLN A 201 41.29 3.95 -9.85
C GLN A 201 40.41 4.10 -8.60
N MET A 202 39.23 4.71 -8.71
CA MET A 202 38.33 4.67 -7.56
C MET A 202 38.06 3.21 -7.09
N ASN A 203 37.96 2.30 -8.07
CA ASN A 203 37.87 0.85 -7.82
C ASN A 203 36.84 0.43 -6.76
N PHE A 204 35.57 0.80 -6.99
CA PHE A 204 34.49 0.48 -6.07
C PHE A 204 33.49 -0.36 -6.82
N PRO A 205 33.78 -1.66 -6.90
CA PRO A 205 32.77 -2.56 -7.44
C PRO A 205 31.60 -2.63 -6.46
N VAL A 206 30.36 -2.45 -6.98
CA VAL A 206 29.23 -2.36 -6.10
C VAL A 206 28.61 -3.70 -5.77
N THR A 207 28.87 -4.19 -4.56
CA THR A 207 28.42 -5.51 -4.20
C THR A 207 27.45 -5.39 -3.03
N GLY A 208 26.44 -6.31 -2.99
CA GLY A 208 25.38 -6.15 -2.01
C GLY A 208 25.65 -6.82 -0.67
N TYR A 209 24.84 -6.59 0.34
CA TYR A 209 23.64 -5.71 0.31
C TYR A 209 23.96 -4.31 0.90
N ASN A 210 23.64 -3.29 0.14
CA ASN A 210 23.67 -1.96 0.61
C ASN A 210 22.50 -1.19 -0.07
N GLU A 211 22.63 0.13 -0.14
CA GLU A 211 21.55 1.01 -0.65
C GLU A 211 21.39 0.99 -2.17
N CYS A 212 22.28 0.32 -2.90
CA CYS A 212 22.46 0.51 -4.37
C CYS A 212 21.66 -0.39 -5.32
N LEU A 213 20.68 -1.15 -4.83
CA LEU A 213 20.02 -2.11 -5.70
C LEU A 213 19.52 -1.53 -7.01
N ILE A 214 18.93 -0.34 -6.95
CA ILE A 214 18.26 0.23 -8.14
C ILE A 214 19.21 0.43 -9.31
N MET A 215 20.49 0.58 -9.02
CA MET A 215 21.43 0.71 -10.08
C MET A 215 21.40 -0.56 -10.99
N TYR A 216 21.40 -1.74 -10.40
CA TYR A 216 21.46 -2.97 -11.15
C TYR A 216 20.11 -3.19 -11.86
N ILE A 217 19.01 -2.79 -11.23
CA ILE A 217 17.69 -2.91 -11.90
C ILE A 217 17.64 -2.02 -13.12
N LEU A 218 18.08 -0.77 -12.99
CA LEU A 218 18.06 0.15 -14.13
C LEU A 218 19.05 -0.33 -15.25
N ALA A 219 20.22 -0.85 -14.85
CA ALA A 219 21.17 -1.36 -15.82
C ALA A 219 20.56 -2.50 -16.62
N ALA A 220 19.84 -3.39 -15.97
CA ALA A 220 19.20 -4.46 -16.68
C ALA A 220 18.09 -3.99 -17.59
N ALA A 221 17.40 -2.96 -17.11
CA ALA A 221 16.37 -2.23 -17.87
C ALA A 221 16.78 -1.47 -19.11
N SER A 222 18.05 -1.04 -19.20
CA SER A 222 18.46 -0.15 -20.27
C SER A 222 18.28 -0.85 -21.61
N PRO A 223 17.63 -0.19 -22.56
CA PRO A 223 17.47 -0.89 -23.84
C PRO A 223 18.64 -0.68 -24.76
N THR A 224 19.54 0.24 -24.43
CA THR A 224 20.64 0.63 -25.29
C THR A 224 22.00 0.25 -24.74
N HIS A 225 22.11 0.15 -23.42
CA HIS A 225 23.46 -0.11 -22.78
C HIS A 225 23.27 -0.98 -21.54
N GLY A 226 22.50 -2.04 -21.68
CA GLY A 226 22.13 -2.96 -20.60
C GLY A 226 23.19 -3.95 -20.23
N ILE A 227 22.88 -4.69 -19.19
CA ILE A 227 23.78 -5.68 -18.61
C ILE A 227 23.12 -7.04 -18.77
N PRO A 228 23.93 -8.09 -18.96
CA PRO A 228 23.39 -9.40 -18.84
C PRO A 228 23.19 -9.71 -17.38
N ALA A 229 22.37 -10.70 -17.10
CA ALA A 229 21.96 -10.99 -15.74
C ALA A 229 23.07 -11.42 -14.86
N GLU A 230 24.13 -12.04 -15.41
CA GLU A 230 25.24 -12.42 -14.53
C GLU A 230 25.96 -11.27 -13.85
N VAL A 231 25.86 -10.08 -14.36
CA VAL A 231 26.41 -8.91 -13.73
C VAL A 231 25.72 -8.69 -12.39
N TYR A 232 24.42 -8.94 -12.36
CA TYR A 232 23.68 -8.89 -11.10
C TYR A 232 23.91 -10.08 -10.22
N HIS A 233 23.81 -11.31 -10.76
CA HIS A 233 23.87 -12.49 -9.86
C HIS A 233 25.28 -12.69 -9.34
N GLU A 234 26.28 -12.51 -10.19
CA GLU A 234 27.71 -12.65 -9.70
C GLU A 234 28.22 -11.40 -9.01
N GLY A 235 27.96 -10.22 -9.56
CA GLY A 235 28.48 -8.99 -8.99
C GLY A 235 27.75 -8.51 -7.77
N TRP A 236 26.51 -8.03 -7.95
CA TRP A 236 25.71 -7.56 -6.81
C TRP A 236 25.47 -8.62 -5.78
N ALA A 237 25.00 -9.78 -6.22
CA ALA A 237 24.53 -10.78 -5.27
C ALA A 237 25.67 -11.75 -4.86
N LYS A 238 26.82 -11.60 -5.44
CA LYS A 238 28.04 -12.31 -4.95
C LYS A 238 27.79 -13.83 -5.08
N SER A 239 27.14 -14.19 -6.16
CA SER A 239 26.76 -15.61 -6.44
C SER A 239 26.06 -16.26 -5.28
N GLY A 240 25.25 -15.48 -4.54
CA GLY A 240 24.46 -16.00 -3.43
C GLY A 240 24.91 -15.69 -2.07
N ALA A 241 26.13 -15.13 -1.95
CA ALA A 241 26.63 -14.78 -0.67
C ALA A 241 26.03 -13.51 -0.13
N ILE A 242 25.22 -12.81 -0.90
CA ILE A 242 24.37 -11.77 -0.31
C ILE A 242 23.32 -12.31 0.68
N LYS A 243 22.98 -13.61 0.61
CA LYS A 243 22.07 -14.19 1.56
C LYS A 243 22.68 -14.36 2.93
N ASP A 244 21.92 -14.07 3.97
CA ASP A 244 22.41 -14.13 5.35
C ASP A 244 21.25 -14.44 6.24
N SER A 245 21.46 -14.42 7.55
CA SER A 245 20.36 -14.38 8.50
C SER A 245 20.81 -13.69 9.77
N ILE A 246 20.45 -12.41 9.86
CA ILE A 246 20.77 -11.49 10.94
C ILE A 246 19.47 -11.42 11.77
N ASN A 247 19.50 -11.92 13.03
CA ASN A 247 18.35 -11.85 13.95
C ASN A 247 18.54 -10.81 15.01
N ALA A 248 17.65 -9.85 15.11
CA ALA A 248 17.68 -8.87 16.19
C ALA A 248 16.26 -8.55 16.64
N TYR A 249 16.03 -8.61 17.96
CA TYR A 249 14.74 -8.34 18.60
C TYR A 249 13.62 -9.15 18.05
N GLY A 250 13.91 -10.34 17.52
CA GLY A 250 12.90 -11.19 16.99
C GLY A 250 12.52 -11.00 15.53
N HIS A 251 13.27 -10.15 14.83
CA HIS A 251 13.05 -9.86 13.44
C HIS A 251 14.29 -10.38 12.70
N THR A 252 14.07 -10.93 11.54
CA THR A 252 15.21 -11.47 10.77
C THR A 252 15.44 -10.70 9.47
N LEU A 253 16.70 -10.43 9.21
CA LEU A 253 17.12 -9.93 7.91
C LEU A 253 17.77 -11.06 7.16
N LYS A 254 17.39 -11.24 5.89
CA LYS A 254 17.98 -12.33 5.12
C LYS A 254 18.96 -11.87 4.05
N LEU A 255 19.23 -10.58 4.08
CA LEU A 255 20.23 -9.95 3.23
C LEU A 255 21.46 -9.59 4.10
N SER A 256 22.61 -9.73 3.49
CA SER A 256 23.89 -9.49 4.19
C SER A 256 24.25 -8.01 4.14
N HIS A 257 23.80 -7.25 5.13
CA HIS A 257 24.00 -5.80 5.18
C HIS A 257 25.51 -5.50 5.40
N ASN A 258 26.11 -4.94 4.37
CA ASN A 258 27.59 -4.69 4.33
C ASN A 258 28.07 -4.02 5.57
N PHE A 259 29.04 -4.64 6.23
CA PHE A 259 29.62 -4.05 7.45
C PHE A 259 28.65 -3.81 8.65
N ALA A 260 27.49 -4.47 8.64
CA ALA A 260 26.39 -4.10 9.58
C ALA A 260 25.49 -5.34 9.82
N LYS A 261 26.15 -6.40 10.28
CA LYS A 261 25.63 -7.77 10.36
C LYS A 261 24.93 -8.06 11.67
N GLU A 262 24.85 -7.11 12.56
CA GLU A 262 24.09 -7.30 13.78
C GLU A 262 22.66 -6.75 13.69
N TYR A 263 22.58 -5.52 13.18
CA TYR A 263 21.32 -4.76 13.14
C TYR A 263 20.89 -4.28 11.76
N GLY A 264 21.70 -4.53 10.74
CA GLY A 264 21.54 -3.86 9.42
C GLY A 264 22.16 -2.47 9.40
N GLY A 265 22.36 -1.92 8.21
CA GLY A 265 22.92 -0.60 7.98
C GLY A 265 22.04 0.58 8.40
N PRO A 266 22.50 1.78 8.16
CA PRO A 266 21.68 2.97 8.26
C PRO A 266 20.34 2.79 7.51
N LEU A 267 19.28 3.36 8.08
CA LEU A 267 17.91 3.01 7.65
C LEU A 267 17.65 3.47 6.19
N PHE A 268 18.40 4.45 5.71
CA PHE A 268 18.21 4.89 4.32
C PHE A 268 18.37 3.80 3.29
N TRP A 269 19.06 2.70 3.61
CA TRP A 269 19.19 1.63 2.60
C TRP A 269 17.82 1.03 2.21
N SER A 270 16.83 1.21 3.07
CA SER A 270 15.47 0.70 2.78
C SER A 270 14.61 1.80 2.13
N HIS A 271 15.26 2.93 1.75
CA HIS A 271 14.59 4.06 1.13
C HIS A 271 14.97 4.35 -0.29
N TYR A 272 16.26 4.62 -0.55
CA TYR A 272 16.69 5.14 -1.87
C TYR A 272 16.30 4.34 -3.09
N SER A 273 16.51 3.03 -3.00
CA SER A 273 16.30 2.12 -4.10
C SER A 273 14.80 1.70 -4.23
N TYR A 274 13.96 2.27 -3.38
CA TYR A 274 12.58 1.87 -3.20
C TYR A 274 11.66 3.09 -3.32
N LEU A 275 12.16 4.17 -3.89
CA LEU A 275 11.36 5.39 -4.05
C LEU A 275 10.46 5.25 -5.27
N GLY A 276 10.99 4.60 -6.30
CA GLY A 276 10.26 4.37 -7.57
C GLY A 276 9.92 2.86 -7.64
N LEU A 277 10.92 2.00 -7.38
CA LEU A 277 10.75 0.58 -7.29
C LEU A 277 9.92 0.19 -6.08
N ASP A 278 8.67 -0.27 -6.30
CA ASP A 278 7.78 -0.52 -5.17
C ASP A 278 8.19 -1.79 -4.51
N PRO A 279 8.51 -1.72 -3.22
CA PRO A 279 8.88 -2.97 -2.58
C PRO A 279 7.70 -3.89 -2.19
N HIS A 280 6.45 -3.45 -2.35
CA HIS A 280 5.29 -4.34 -2.08
C HIS A 280 5.33 -5.53 -3.01
N GLY A 281 5.36 -6.71 -2.43
CA GLY A 281 5.39 -7.98 -3.18
C GLY A 281 6.59 -8.20 -4.09
N LEU A 282 7.65 -7.40 -3.87
CA LEU A 282 8.90 -7.48 -4.62
C LEU A 282 9.75 -8.56 -4.04
N LYS A 283 10.15 -9.52 -4.87
CA LYS A 283 10.84 -10.69 -4.38
C LYS A 283 11.76 -11.18 -5.48
N ASP A 284 12.88 -11.78 -5.09
CA ASP A 284 13.71 -12.54 -6.06
C ASP A 284 14.34 -13.69 -5.30
N ARG A 285 15.23 -14.44 -5.94
CA ARG A 285 15.78 -15.62 -5.27
C ARG A 285 16.58 -15.28 -4.01
N TYR A 286 17.01 -14.03 -3.82
CA TYR A 286 17.82 -13.64 -2.67
C TYR A 286 17.02 -13.13 -1.47
N ALA A 287 15.83 -12.57 -1.71
CA ALA A 287 15.08 -12.02 -0.62
C ALA A 287 13.65 -11.68 -1.02
N ASP A 288 12.86 -11.49 0.02
CA ASP A 288 11.53 -10.85 0.01
C ASP A 288 11.78 -9.43 0.48
N TYR A 289 11.73 -8.47 -0.45
CA TYR A 289 12.20 -7.13 -0.19
C TYR A 289 11.27 -6.40 0.74
N TRP A 290 9.97 -6.67 0.67
CA TRP A 290 9.04 -6.02 1.62
C TRP A 290 9.44 -6.45 3.06
N GLU A 291 9.56 -7.72 3.26
CA GLU A 291 9.84 -8.27 4.59
C GLU A 291 11.22 -7.76 5.10
N ASN A 292 12.24 -7.80 4.26
CA ASN A 292 13.59 -7.28 4.64
C ASN A 292 13.61 -5.82 4.92
N ASN A 293 12.91 -5.02 4.12
CA ASN A 293 12.88 -3.58 4.37
C ASN A 293 12.10 -3.26 5.63
N LEU A 294 10.93 -3.89 5.79
CA LEU A 294 10.14 -3.64 6.96
C LEU A 294 10.92 -4.10 8.20
N ASN A 295 11.48 -5.30 8.15
CA ASN A 295 12.27 -5.78 9.34
C ASN A 295 13.45 -4.88 9.71
N HIS A 296 14.07 -4.29 8.69
CA HIS A 296 15.12 -3.30 8.86
C HIS A 296 14.65 -2.12 9.67
N VAL A 297 13.47 -1.59 9.35
CA VAL A 297 12.86 -0.48 10.07
C VAL A 297 12.54 -0.90 11.48
N LEU A 298 11.89 -2.05 11.63
CA LEU A 298 11.45 -2.53 12.93
C LEU A 298 12.62 -2.72 13.89
N ILE A 299 13.69 -3.24 13.38
CA ILE A 299 14.94 -3.42 14.19
C ILE A 299 15.53 -2.07 14.62
N ASN A 300 15.54 -1.10 13.69
CA ASN A 300 16.01 0.23 14.00
C ASN A 300 15.18 0.92 15.08
N ARG A 301 13.85 0.90 14.92
CA ARG A 301 12.96 1.41 15.90
C ARG A 301 13.16 0.74 17.32
N GLU A 302 13.22 -0.58 17.33
CA GLU A 302 13.33 -1.33 18.62
C GLU A 302 14.64 -1.01 19.34
N TRP A 303 15.73 -0.86 18.58
CA TRP A 303 16.98 -0.36 19.15
C TRP A 303 16.73 0.96 19.82
N CYS A 304 16.10 1.92 19.16
CA CYS A 304 15.83 3.23 19.78
C CYS A 304 14.95 3.10 21.02
N ILE A 305 13.98 2.21 20.97
CA ILE A 305 13.11 1.96 22.12
C ILE A 305 13.90 1.35 23.29
N GLN A 306 14.70 0.34 23.04
CA GLN A 306 15.46 -0.30 24.12
C GLN A 306 16.46 0.72 24.64
N ASN A 307 17.00 1.56 23.75
CA ASN A 307 17.91 2.64 24.10
C ASN A 307 19.06 2.17 25.02
N PRO A 308 19.82 1.21 24.56
CA PRO A 308 20.88 0.66 25.40
C PRO A 308 21.94 1.64 25.81
N LYS A 309 22.07 2.77 25.13
CA LYS A 309 23.09 3.74 25.45
C LYS A 309 22.57 4.85 26.31
N HIS A 310 21.27 4.82 26.63
CA HIS A 310 20.60 5.70 27.55
C HIS A 310 20.63 7.14 27.07
N TYR A 311 20.40 7.35 25.78
CA TYR A 311 20.36 8.69 25.28
C TYR A 311 19.08 9.36 25.61
N LYS A 312 19.11 10.69 25.75
CA LYS A 312 17.93 11.46 26.09
C LYS A 312 16.90 11.48 24.91
N GLY A 313 15.64 11.25 25.23
CA GLY A 313 14.49 11.43 24.32
C GLY A 313 14.20 10.27 23.36
N TYR A 314 14.99 9.21 23.40
CA TYR A 314 14.77 8.01 22.62
C TYR A 314 13.55 7.23 23.09
N GLY A 315 12.73 6.83 22.14
CA GLY A 315 11.54 6.09 22.48
C GLY A 315 10.63 5.86 21.29
N PRO A 316 9.47 5.31 21.56
CA PRO A 316 8.54 5.12 20.44
C PRO A 316 8.08 6.42 19.80
N ASP A 317 8.16 7.57 20.49
CA ASP A 317 7.83 8.85 19.87
C ASP A 317 9.04 9.64 19.27
N SER A 318 10.22 9.04 19.27
CA SER A 318 11.43 9.68 18.73
C SER A 318 12.43 8.59 18.48
N TRP A 319 12.49 8.15 17.22
CA TRP A 319 13.25 7.01 16.82
C TRP A 319 13.72 7.21 15.39
N GLY A 320 14.68 6.42 14.99
CA GLY A 320 15.16 6.33 13.55
C GLY A 320 16.59 6.87 13.40
N LEU A 321 17.49 5.96 13.10
CA LEU A 321 18.92 6.21 12.99
C LEU A 321 19.37 5.99 11.59
N THR A 322 19.97 6.99 11.01
CA THR A 322 20.48 6.84 9.67
C THR A 322 21.62 7.84 9.43
N ALA A 323 22.27 7.70 8.26
CA ALA A 323 23.35 8.71 7.83
C ALA A 323 22.84 10.13 7.73
N SER A 324 23.56 11.08 8.35
CA SER A 324 23.16 12.44 8.43
C SER A 324 24.25 13.33 9.08
N TYR A 325 24.03 14.62 9.04
CA TYR A 325 24.82 15.47 9.91
C TYR A 325 24.82 14.89 11.35
N SER A 326 25.92 15.14 12.07
CA SER A 326 26.11 14.61 13.40
C SER A 326 26.82 15.67 14.26
N VAL A 327 26.80 15.46 15.57
CA VAL A 327 27.42 16.40 16.51
C VAL A 327 28.83 16.80 16.01
N LYS A 328 29.66 15.84 15.58
CA LYS A 328 31.08 16.10 15.19
C LYS A 328 31.34 16.23 13.70
N GLY A 329 30.29 16.24 12.87
CA GLY A 329 30.48 16.35 11.43
C GLY A 329 29.30 15.64 10.78
N TYR A 330 29.54 14.46 10.28
CA TYR A 330 28.56 13.69 9.53
C TYR A 330 28.88 12.28 9.88
N ALA A 331 27.87 11.45 10.12
CA ALA A 331 28.17 10.06 10.47
C ALA A 331 27.05 9.17 9.94
N ALA A 332 27.42 7.94 9.65
CA ALA A 332 26.48 6.86 9.18
C ALA A 332 25.82 6.24 10.39
N HIS A 333 24.93 7.01 11.07
CA HIS A 333 24.26 6.47 12.25
C HIS A 333 23.45 5.23 11.94
N ALA A 334 23.36 4.32 12.89
CA ALA A 334 22.67 3.07 12.76
C ALA A 334 22.57 2.49 14.14
N PRO A 335 21.79 1.41 14.28
CA PRO A 335 21.80 0.70 15.54
C PRO A 335 23.22 0.09 15.82
N GLY A 336 23.50 -0.07 17.11
CA GLY A 336 24.73 -0.69 17.59
C GLY A 336 25.62 0.25 18.40
N GLU A 337 26.40 -0.38 19.29
CA GLU A 337 27.25 0.34 20.24
C GLU A 337 28.06 1.39 19.58
N ASN A 338 28.65 1.05 18.43
CA ASN A 338 29.57 1.96 17.78
C ASN A 338 28.91 2.93 16.84
N ASN A 339 27.67 2.66 16.44
CA ASN A 339 27.04 3.51 15.38
C ASN A 339 25.97 4.48 15.85
N ASP A 340 25.36 4.23 16.99
CA ASP A 340 24.38 5.14 17.53
C ASP A 340 25.08 6.20 18.35
N LEU A 341 25.03 7.44 17.92
CA LEU A 341 25.78 8.53 18.57
C LEU A 341 24.85 9.45 19.34
N GLY A 342 23.64 8.98 19.59
CA GLY A 342 22.58 9.80 20.22
C GLY A 342 21.89 10.78 19.29
N VAL A 343 22.10 10.59 17.98
CA VAL A 343 21.57 11.53 16.94
C VAL A 343 20.35 10.83 16.24
N ILE A 344 19.21 11.47 16.30
CA ILE A 344 17.98 11.03 15.64
C ILE A 344 17.86 11.90 14.39
N SER A 345 17.66 11.28 13.23
CA SER A 345 17.60 12.02 11.95
C SER A 345 16.21 11.76 11.37
N PRO A 346 15.33 12.75 11.35
CA PRO A 346 13.90 12.58 10.99
C PRO A 346 13.68 11.81 9.69
N THR A 347 14.57 11.92 8.71
CA THR A 347 14.42 11.09 7.47
C THR A 347 14.30 9.59 7.69
N ALA A 348 14.89 9.04 8.77
CA ALA A 348 14.84 7.64 9.02
C ALA A 348 13.39 7.18 9.29
N ALA A 349 12.70 7.79 10.27
CA ALA A 349 11.36 7.36 10.59
C ALA A 349 10.37 7.88 9.51
N LEU A 350 10.56 9.09 9.06
CA LEU A 350 9.54 9.69 8.16
C LEU A 350 9.54 8.99 6.80
N SER A 351 10.72 8.63 6.30
CA SER A 351 10.78 8.07 4.94
C SER A 351 10.33 6.59 5.04
N SER A 352 10.27 6.05 6.26
CA SER A 352 9.80 4.73 6.47
C SER A 352 8.24 4.65 6.57
N MET A 353 7.58 5.78 6.34
CA MET A 353 6.10 5.91 6.37
C MET A 353 5.39 4.75 5.68
N PRO A 354 5.85 4.30 4.51
CA PRO A 354 5.08 3.18 3.92
C PRO A 354 5.12 1.86 4.62
N TYR A 355 6.23 1.59 5.28
CA TYR A 355 6.39 0.35 5.99
C TYR A 355 5.78 0.34 7.38
N THR A 356 5.88 1.45 8.16
CA THR A 356 5.45 1.54 9.57
C THR A 356 4.69 2.80 9.80
N PRO A 357 3.51 2.92 9.17
CA PRO A 357 2.90 4.26 9.12
C PRO A 357 2.50 4.78 10.51
N GLU A 358 1.98 3.89 11.39
CA GLU A 358 1.50 4.47 12.69
C GLU A 358 2.71 4.77 13.54
N TYR A 359 3.76 3.96 13.43
CA TYR A 359 5.01 4.25 14.17
C TYR A 359 5.75 5.48 13.68
N SER A 360 5.76 5.71 12.36
CA SER A 360 6.36 6.89 11.80
C SER A 360 5.56 8.10 12.13
N LYS A 361 4.22 8.00 12.08
CA LYS A 361 3.38 9.11 12.49
C LYS A 361 3.52 9.51 13.97
N GLN A 362 3.77 8.49 14.78
CA GLN A 362 3.94 8.64 16.24
C GLN A 362 5.10 9.62 16.52
N ALA A 363 6.19 9.44 15.81
CA ALA A 363 7.37 10.30 15.94
C ALA A 363 7.08 11.63 15.35
N MET A 364 6.47 11.65 14.16
CA MET A 364 6.12 12.87 13.49
C MET A 364 5.32 13.80 14.38
N VAL A 365 4.29 13.21 14.98
CA VAL A 365 3.36 14.01 15.78
C VAL A 365 4.08 14.59 17.03
N HIS A 366 4.85 13.78 17.72
CA HIS A 366 5.64 14.27 18.92
C HIS A 366 6.62 15.38 18.47
N TRP A 367 7.33 15.18 17.36
CA TRP A 367 8.27 16.18 16.89
C TRP A 367 7.60 17.51 16.55
N TYR A 368 6.45 17.43 15.89
CA TYR A 368 5.75 18.63 15.47
C TYR A 368 5.07 19.32 16.69
N ASN A 369 4.35 18.56 17.46
CA ASN A 369 3.55 19.20 18.55
C ASN A 369 4.44 19.67 19.67
N ASP A 370 5.49 18.89 19.97
CA ASP A 370 6.29 19.13 21.16
C ASP A 370 7.64 19.76 20.88
N MET A 371 8.16 19.66 19.65
CA MET A 371 9.55 20.05 19.38
C MET A 371 9.74 20.98 18.22
N ARG A 372 8.65 21.48 17.65
CA ARG A 372 8.83 22.16 16.37
C ARG A 372 9.64 23.46 16.45
N THR A 373 9.55 24.24 17.57
CA THR A 373 10.46 25.37 17.76
C THR A 373 11.92 25.05 17.53
N LYS A 374 12.34 23.87 17.96
CA LYS A 374 13.74 23.49 17.80
C LYS A 374 14.05 22.81 16.48
N ILE A 375 13.15 21.96 15.95
CA ILE A 375 13.59 21.03 14.85
C ILE A 375 12.77 21.09 13.54
N PHE A 376 11.79 22.02 13.46
CA PHE A 376 10.97 22.21 12.27
C PHE A 376 11.22 23.59 11.71
N GLY A 377 11.61 23.68 10.46
CA GLY A 377 11.99 24.92 9.80
C GLY A 377 11.27 25.12 8.49
N LYS A 378 11.78 26.05 7.69
CA LYS A 378 11.03 26.48 6.50
C LYS A 378 10.98 25.37 5.42
N TYR A 379 11.96 24.46 5.42
CA TYR A 379 11.94 23.28 4.53
C TYR A 379 11.67 21.96 5.28
N GLY A 380 10.85 22.01 6.30
CA GLY A 380 10.48 20.81 7.11
C GLY A 380 11.43 20.55 8.27
N PHE A 381 11.47 19.31 8.75
CA PHE A 381 12.24 18.99 9.90
C PHE A 381 13.70 19.14 9.48
N TYR A 382 14.52 19.66 10.39
CA TYR A 382 15.96 19.73 10.13
C TYR A 382 16.61 18.35 10.04
N ASP A 383 17.87 18.34 9.65
CA ASP A 383 18.52 17.09 9.28
C ASP A 383 18.66 16.04 10.38
N ALA A 384 18.92 16.50 11.60
CA ALA A 384 19.33 15.64 12.71
C ALA A 384 19.28 16.49 13.98
N PHE A 385 19.18 15.83 15.10
CA PHE A 385 19.28 16.49 16.40
C PHE A 385 19.72 15.49 17.46
N SER A 386 20.30 15.99 18.58
CA SER A 386 20.66 15.16 19.73
C SER A 386 20.05 15.84 20.95
N GLU A 387 19.03 15.26 21.55
CA GLU A 387 18.56 15.84 22.85
C GLU A 387 19.63 15.68 23.93
N THR A 388 20.44 14.64 23.85
CA THR A 388 21.47 14.33 24.84
C THR A 388 22.47 15.47 24.87
N GLU A 389 22.87 15.98 23.70
CA GLU A 389 23.87 17.06 23.61
C GLU A 389 23.31 18.45 23.34
N ASN A 390 21.99 18.60 23.46
CA ASN A 390 21.32 19.87 23.18
C ASN A 390 21.69 20.49 21.80
N TRP A 391 21.73 19.63 20.78
CA TRP A 391 22.26 19.98 19.47
C TRP A 391 21.07 19.94 18.46
N TYR A 392 20.68 21.10 17.97
CA TYR A 392 19.49 21.30 17.10
C TYR A 392 19.89 22.12 15.87
N PRO A 393 20.80 21.60 15.05
CA PRO A 393 21.27 22.35 13.89
C PRO A 393 20.14 22.74 12.91
N GLN A 394 20.22 23.94 12.37
CA GLN A 394 19.22 24.48 11.45
C GLN A 394 19.78 24.27 10.08
N GLN A 395 19.85 22.98 9.68
CA GLN A 395 20.55 22.57 8.49
C GLN A 395 19.75 21.44 7.80
N TYR A 396 19.86 21.42 6.49
CA TYR A 396 19.14 20.46 5.63
C TYR A 396 20.07 19.84 4.59
N LEU A 397 19.80 18.59 4.21
CA LEU A 397 20.45 17.91 3.07
C LEU A 397 19.40 17.43 2.11
N ALA A 398 19.64 17.60 0.83
CA ALA A 398 18.70 17.06 -0.17
C ALA A 398 18.44 15.58 -0.03
N ILE A 399 19.49 14.82 0.18
CA ILE A 399 19.35 13.36 0.30
C ILE A 399 18.51 12.88 1.48
N ASP A 400 18.32 13.75 2.48
CA ASP A 400 17.52 13.45 3.62
C ASP A 400 16.09 14.03 3.45
N GLN A 401 15.95 15.19 2.87
CA GLN A 401 14.58 15.74 2.68
C GLN A 401 13.81 15.02 1.53
N GLY A 402 14.49 14.57 0.51
CA GLY A 402 13.86 14.08 -0.71
C GLY A 402 13.05 12.81 -0.41
N PRO A 403 13.65 11.84 0.30
CA PRO A 403 12.93 10.57 0.59
C PRO A 403 11.75 10.79 1.49
N ILE A 404 11.76 11.85 2.34
CA ILE A 404 10.62 12.12 3.17
C ILE A 404 9.40 12.47 2.31
N VAL A 405 9.60 13.40 1.38
CA VAL A 405 8.47 13.83 0.52
C VAL A 405 7.98 12.62 -0.26
N VAL A 406 8.93 11.90 -0.84
CA VAL A 406 8.60 10.84 -1.75
C VAL A 406 7.90 9.67 -1.11
N MET A 407 8.43 9.22 0.03
CA MET A 407 7.83 8.12 0.75
C MET A 407 6.56 8.49 1.46
N MET A 408 6.45 9.72 1.97
CA MET A 408 5.16 10.08 2.51
C MET A 408 4.07 10.01 1.44
N GLU A 409 4.38 10.52 0.25
CA GLU A 409 3.43 10.52 -0.86
C GLU A 409 3.18 9.12 -1.30
N ASN A 410 4.23 8.27 -1.43
CA ASN A 410 3.96 6.89 -1.80
C ASN A 410 3.06 6.18 -0.80
N TYR A 411 3.18 6.43 0.50
CA TYR A 411 2.27 5.88 1.45
C TYR A 411 0.78 6.30 1.14
N ARG A 412 0.59 7.55 0.82
CA ARG A 412 -0.76 8.09 0.54
C ARG A 412 -1.35 7.53 -0.73
N SER A 413 -0.56 7.59 -1.79
CA SER A 413 -1.12 7.48 -3.17
C SER A 413 -0.39 6.50 -4.06
N GLY A 414 0.78 6.00 -3.64
CA GLY A 414 1.64 5.26 -4.57
C GLY A 414 2.04 6.00 -5.82
N LEU A 415 2.07 7.35 -5.83
CA LEU A 415 2.26 8.11 -7.02
C LEU A 415 3.57 7.75 -7.77
N LEU A 416 4.73 7.75 -7.06
CA LEU A 416 6.03 7.51 -7.74
C LEU A 416 6.10 6.04 -8.08
N TRP A 417 5.65 5.13 -7.17
CA TRP A 417 5.63 3.72 -7.47
C TRP A 417 4.89 3.42 -8.76
N LYS A 418 3.69 4.00 -8.87
CA LYS A 418 2.86 3.65 -10.04
C LYS A 418 3.50 4.15 -11.31
N LEU A 419 4.10 5.36 -11.24
CA LEU A 419 4.78 5.91 -12.39
C LEU A 419 6.00 5.02 -12.78
N PHE A 420 6.86 4.76 -11.80
CA PHE A 420 8.12 4.05 -12.12
C PHE A 420 7.87 2.62 -12.60
N MET A 421 7.02 1.86 -11.90
CA MET A 421 6.71 0.50 -12.21
C MET A 421 5.98 0.36 -13.57
N SER A 422 5.39 1.43 -14.05
CA SER A 422 4.72 1.43 -15.39
C SER A 422 5.69 1.50 -16.59
N CYS A 423 6.96 1.84 -16.37
CA CYS A 423 7.92 1.91 -17.47
C CYS A 423 8.10 0.52 -18.06
N PRO A 424 7.91 0.41 -19.38
CA PRO A 424 8.11 -0.92 -20.00
C PRO A 424 9.54 -1.47 -19.74
N GLU A 425 10.51 -0.58 -19.71
CA GLU A 425 11.89 -1.01 -19.51
C GLU A 425 12.10 -1.58 -18.14
N VAL A 426 11.46 -0.96 -17.13
CA VAL A 426 11.56 -1.46 -15.77
C VAL A 426 10.99 -2.85 -15.64
N GLN A 427 9.81 -3.05 -16.21
CA GLN A 427 9.22 -4.35 -16.21
C GLN A 427 10.15 -5.42 -16.91
N ALA A 428 10.75 -5.01 -18.03
CA ALA A 428 11.59 -5.94 -18.77
C ALA A 428 12.86 -6.23 -17.98
N GLY A 429 13.40 -5.21 -17.31
CA GLY A 429 14.63 -5.40 -16.45
C GLY A 429 14.37 -6.33 -15.27
N LEU A 430 13.27 -6.10 -14.60
CA LEU A 430 12.92 -6.94 -13.49
C LEU A 430 12.76 -8.41 -13.97
N LYS A 431 12.10 -8.60 -15.09
CA LYS A 431 11.93 -9.99 -15.65
C LYS A 431 13.29 -10.57 -16.00
N LYS A 432 14.16 -9.77 -16.57
CA LYS A 432 15.51 -10.27 -16.94
C LYS A 432 16.29 -10.72 -15.75
N LEU A 433 16.07 -10.04 -14.60
CA LEU A 433 16.73 -10.42 -13.36
C LEU A 433 15.96 -11.38 -12.49
N ASP A 434 14.86 -11.89 -13.03
CA ASP A 434 14.05 -12.89 -12.33
C ASP A 434 13.43 -12.38 -11.05
N PHE A 435 13.07 -11.10 -11.09
CA PHE A 435 12.25 -10.58 -9.99
C PHE A 435 10.78 -10.87 -10.28
N GLN A 436 10.03 -11.02 -9.21
CA GLN A 436 8.57 -11.01 -9.19
C GLN A 436 8.07 -9.72 -8.51
N SER A 437 6.91 -9.28 -8.93
CA SER A 437 6.26 -8.10 -8.40
C SER A 437 4.79 -8.19 -8.88
N PRO A 438 3.85 -7.70 -8.08
CA PRO A 438 2.45 -7.64 -8.57
C PRO A 438 2.23 -6.71 -9.76
N TYR A 439 3.18 -5.83 -10.09
CA TYR A 439 3.09 -4.95 -11.25
C TYR A 439 3.40 -5.65 -12.53
N LEU A 440 4.07 -6.77 -12.48
CA LEU A 440 4.49 -7.41 -13.76
C LEU A 440 3.32 -8.07 -14.52
N LYS A 441 3.20 -7.80 -15.80
CA LYS A 441 2.17 -8.40 -16.67
C LYS A 441 2.75 -9.72 -17.21
N LEU A 442 2.15 -10.80 -16.79
CA LEU A 442 2.61 -12.15 -17.11
C LEU A 442 1.94 -12.57 -18.40
N GLU A 443 2.70 -13.27 -19.20
CA GLU A 443 2.30 -13.67 -20.53
C GLU A 443 1.76 -15.11 -20.38
N HIS A 444 0.66 -15.39 -21.06
CA HIS A 444 0.01 -16.70 -20.97
C HIS A 444 0.56 -17.59 -22.11
N HIS A 445 0.76 -18.86 -21.79
CA HIS A 445 1.22 -19.82 -22.80
C HIS A 445 0.34 -21.04 -22.78
N HIS A 446 -0.04 -21.54 -23.95
CA HIS A 446 -0.74 -22.83 -24.01
C HIS A 446 0.27 -23.96 -23.61
N HIS A 447 -0.19 -25.24 -23.53
CA HIS A 447 0.70 -26.25 -22.90
C HIS A 447 1.94 -26.49 -23.68
N HIS A 448 1.78 -26.49 -24.97
CA HIS A 448 2.84 -27.01 -25.88
C HIS A 448 3.45 -25.97 -26.76
N HIS A 449 2.68 -24.97 -27.19
CA HIS A 449 3.13 -23.86 -28.03
C HIS A 449 2.91 -22.52 -27.34
N LEU B 24 6.69 -18.29 17.45
CA LEU B 24 7.00 -17.99 16.00
C LEU B 24 7.00 -16.49 15.72
N SER B 25 7.72 -16.17 14.64
CA SER B 25 7.79 -14.81 14.12
C SER B 25 6.49 -14.43 13.42
N ALA B 26 6.25 -13.11 13.43
CA ALA B 26 5.15 -12.50 12.70
C ALA B 26 5.04 -12.92 11.21
N ASP B 27 6.16 -12.98 10.45
CA ASP B 27 6.12 -13.35 8.99
C ASP B 27 5.63 -14.82 8.81
N SER B 28 6.07 -15.70 9.70
CA SER B 28 5.63 -17.11 9.68
C SER B 28 4.16 -17.29 10.06
N ILE B 29 3.75 -16.61 11.08
CA ILE B 29 2.38 -16.67 11.52
C ILE B 29 1.46 -16.11 10.44
N PHE B 30 1.84 -14.99 9.84
CA PHE B 30 1.04 -14.40 8.76
C PHE B 30 0.69 -15.43 7.71
N ASN B 31 1.70 -16.14 7.21
CA ASN B 31 1.44 -17.14 6.19
C ASN B 31 0.52 -18.31 6.61
N ILE B 32 0.72 -18.79 7.83
CA ILE B 32 -0.11 -19.86 8.46
C ILE B 32 -1.57 -19.41 8.58
N VAL B 33 -1.76 -18.20 9.10
CA VAL B 33 -3.07 -17.65 9.26
C VAL B 33 -3.81 -17.48 7.95
N GLU B 34 -3.15 -16.86 6.99
CA GLU B 34 -3.78 -16.63 5.68
C GLU B 34 -4.18 -17.96 5.01
N GLU B 35 -3.26 -18.92 5.04
CA GLU B 35 -3.51 -20.17 4.34
C GLU B 35 -4.62 -20.98 4.99
N GLN B 36 -4.60 -21.08 6.31
CA GLN B 36 -5.60 -21.83 7.02
C GLN B 36 -6.97 -21.18 6.86
N THR B 37 -7.02 -19.86 6.89
CA THR B 37 -8.29 -19.13 6.70
C THR B 37 -8.85 -19.31 5.32
N PHE B 38 -7.97 -19.29 4.33
CA PHE B 38 -8.36 -19.67 2.95
C PHE B 38 -9.20 -20.98 2.91
N GLN B 39 -8.84 -21.95 3.76
CA GLN B 39 -9.44 -23.28 3.66
C GLN B 39 -10.91 -23.29 3.94
N TYR B 40 -11.43 -22.23 4.59
CA TYR B 40 -12.85 -22.05 4.72
C TYR B 40 -13.56 -22.18 3.41
N PHE B 41 -12.94 -21.63 2.36
CA PHE B 41 -13.55 -21.46 1.07
C PHE B 41 -13.17 -22.59 0.10
N TRP B 42 -12.24 -23.43 0.55
CA TRP B 42 -11.80 -24.59 -0.23
C TRP B 42 -12.43 -25.89 0.33
N ASP B 43 -11.80 -26.48 1.35
N ASP B 43 -11.80 -26.49 1.32
CA ASP B 43 -12.29 -27.68 2.03
CA ASP B 43 -12.30 -27.73 1.93
C ASP B 43 -13.67 -27.47 2.59
C ASP B 43 -13.64 -27.50 2.63
N GLY B 44 -13.88 -26.30 3.19
CA GLY B 44 -15.16 -25.94 3.82
C GLY B 44 -16.32 -25.53 2.97
N ALA B 45 -16.10 -25.43 1.66
CA ALA B 45 -17.12 -25.03 0.75
C ALA B 45 -18.24 -26.05 0.65
N GLU B 46 -19.45 -25.59 0.41
CA GLU B 46 -20.52 -26.52 0.03
C GLU B 46 -20.20 -27.29 -1.27
N PRO B 47 -20.29 -28.65 -1.23
CA PRO B 47 -19.69 -29.35 -2.35
C PRO B 47 -20.40 -29.30 -3.68
N VAL B 48 -21.73 -29.12 -3.71
CA VAL B 48 -22.44 -29.14 -5.01
C VAL B 48 -22.26 -27.85 -5.78
N SER B 49 -22.50 -26.75 -5.07
CA SER B 49 -22.32 -25.42 -5.63
C SER B 49 -20.88 -24.84 -5.68
N GLY B 50 -20.03 -25.26 -4.76
CA GLY B 50 -18.70 -24.74 -4.59
C GLY B 50 -18.67 -23.40 -3.86
N MET B 51 -19.83 -22.96 -3.43
CA MET B 51 -20.05 -21.67 -2.74
C MET B 51 -19.71 -21.79 -1.25
N ALA B 52 -19.55 -20.64 -0.62
CA ALA B 52 -19.24 -20.48 0.76
C ALA B 52 -20.46 -20.73 1.59
N ARG B 53 -20.29 -21.63 2.56
CA ARG B 53 -21.37 -21.85 3.58
C ARG B 53 -21.62 -20.57 4.40
N GLU B 54 -22.88 -20.25 4.67
CA GLU B 54 -23.16 -19.19 5.65
C GLU B 54 -22.34 -19.43 6.92
N ARG B 55 -22.31 -20.68 7.42
CA ARG B 55 -21.65 -21.02 8.63
C ARG B 55 -21.06 -22.42 8.58
N TYR B 56 -20.02 -22.60 9.39
CA TYR B 56 -19.44 -23.92 9.62
C TYR B 56 -19.16 -24.12 11.12
N HIS B 57 -19.69 -25.21 11.68
CA HIS B 57 -19.63 -25.52 13.11
C HIS B 57 -18.82 -26.79 13.19
N VAL B 58 -17.68 -26.70 13.87
CA VAL B 58 -16.68 -27.76 13.81
C VAL B 58 -17.29 -29.06 14.45
N ASP B 59 -18.10 -28.88 15.47
CA ASP B 59 -18.79 -30.03 16.10
C ASP B 59 -19.90 -30.70 15.30
N GLY B 60 -20.17 -30.26 14.05
CA GLY B 60 -21.24 -30.85 13.22
C GLY B 60 -22.68 -30.61 13.65
N ASN B 61 -22.91 -29.77 14.65
CA ASN B 61 -24.23 -29.46 15.18
C ASN B 61 -24.77 -28.14 14.62
N TYR B 62 -25.83 -28.25 13.84
CA TYR B 62 -26.48 -27.11 13.26
C TYR B 62 -27.87 -27.00 13.83
N PRO B 63 -28.08 -26.02 14.73
CA PRO B 63 -29.39 -25.75 15.32
C PRO B 63 -30.50 -25.66 14.26
N GLU B 64 -30.20 -25.01 13.13
CA GLU B 64 -31.21 -24.72 12.10
C GLU B 64 -31.19 -25.71 10.88
N ASN B 65 -30.57 -26.89 11.00
CA ASN B 65 -30.22 -27.82 9.87
C ASN B 65 -29.85 -27.17 8.55
N ASP B 66 -28.97 -26.20 8.61
CA ASP B 66 -28.79 -25.28 7.50
C ASP B 66 -27.35 -25.28 7.03
N MET B 67 -26.66 -26.42 7.21
CA MET B 67 -25.22 -26.48 6.92
C MET B 67 -24.94 -26.19 5.46
N ASN B 68 -25.84 -26.57 4.58
CA ASN B 68 -25.65 -26.37 3.16
C ASN B 68 -26.33 -25.17 2.54
N VAL B 69 -26.76 -24.25 3.38
CA VAL B 69 -27.24 -22.96 2.87
C VAL B 69 -25.97 -22.12 2.59
N VAL B 70 -25.95 -21.54 1.38
CA VAL B 70 -24.78 -20.77 0.93
C VAL B 70 -25.13 -19.28 0.96
N THR B 71 -24.12 -18.47 1.27
CA THR B 71 -24.26 -17.00 1.35
C THR B 71 -23.81 -16.34 0.04
N SER B 72 -24.70 -15.59 -0.61
CA SER B 72 -24.31 -14.94 -1.84
C SER B 72 -23.19 -13.86 -1.60
N GLY B 73 -23.32 -13.05 -0.58
CA GLY B 73 -22.25 -12.09 -0.25
C GLY B 73 -20.93 -12.69 0.23
N GLY B 74 -21.02 -13.64 1.13
CA GLY B 74 -19.85 -14.28 1.67
C GLY B 74 -19.15 -15.10 0.55
N SER B 75 -19.91 -15.58 -0.44
CA SER B 75 -19.36 -16.27 -1.60
C SER B 75 -18.65 -15.28 -2.56
N GLY B 76 -19.06 -14.03 -2.51
CA GLY B 76 -18.35 -12.93 -3.15
C GLY B 76 -16.97 -12.76 -2.56
N PHE B 77 -16.90 -12.78 -1.23
CA PHE B 77 -15.61 -12.80 -0.63
C PHE B 77 -14.83 -14.05 -1.02
N GLY B 78 -15.53 -15.19 -1.06
CA GLY B 78 -14.84 -16.47 -1.29
C GLY B 78 -14.25 -16.60 -2.68
N VAL B 79 -14.87 -16.02 -3.70
CA VAL B 79 -14.24 -16.12 -5.08
C VAL B 79 -12.95 -15.33 -5.12
N MET B 80 -12.94 -14.20 -4.39
CA MET B 80 -11.70 -13.47 -4.21
C MET B 80 -10.62 -14.30 -3.50
N ALA B 81 -11.02 -14.98 -2.43
CA ALA B 81 -10.10 -15.82 -1.68
C ALA B 81 -9.59 -16.94 -2.62
N LEU B 82 -10.44 -17.44 -3.50
CA LEU B 82 -9.98 -18.49 -4.49
C LEU B 82 -8.82 -17.99 -5.36
N LEU B 83 -8.90 -16.73 -5.78
CA LEU B 83 -7.82 -16.08 -6.53
C LEU B 83 -6.54 -15.96 -5.68
N VAL B 84 -6.65 -15.56 -4.40
CA VAL B 84 -5.54 -15.58 -3.49
C VAL B 84 -4.95 -17.00 -3.44
N GLY B 85 -5.79 -18.02 -3.35
CA GLY B 85 -5.25 -19.37 -3.23
C GLY B 85 -4.42 -19.79 -4.46
N ILE B 86 -4.94 -19.48 -5.63
CA ILE B 86 -4.15 -19.72 -6.87
C ILE B 86 -2.82 -18.98 -6.78
N GLU B 87 -2.87 -17.65 -6.54
CA GLU B 87 -1.64 -16.83 -6.45
C GLU B 87 -0.63 -17.27 -5.45
N ARG B 88 -1.09 -17.74 -4.29
CA ARG B 88 -0.20 -18.10 -3.20
C ARG B 88 0.22 -19.58 -3.29
N GLY B 89 -0.38 -20.33 -4.24
CA GLY B 89 -0.08 -21.77 -4.35
C GLY B 89 -0.79 -22.59 -3.30
N TYR B 90 -1.82 -22.05 -2.65
CA TYR B 90 -2.66 -22.90 -1.78
C TYR B 90 -3.41 -23.98 -2.58
N ILE B 91 -3.77 -23.67 -3.83
CA ILE B 91 -4.36 -24.54 -4.82
C ILE B 91 -3.70 -24.23 -6.13
N SER B 92 -3.85 -25.15 -7.06
CA SER B 92 -3.34 -24.93 -8.38
C SER B 92 -4.24 -24.07 -9.23
N ARG B 93 -3.76 -23.56 -10.35
CA ARG B 93 -4.59 -22.85 -11.28
C ARG B 93 -5.73 -23.70 -11.84
N GLU B 94 -5.41 -24.97 -12.19
CA GLU B 94 -6.50 -25.90 -12.49
C GLU B 94 -7.60 -26.18 -11.47
N GLN B 95 -7.24 -26.38 -10.23
CA GLN B 95 -8.18 -26.48 -9.11
C GLN B 95 -9.07 -25.20 -9.04
N GLY B 96 -8.42 -24.03 -9.09
CA GLY B 96 -9.15 -22.73 -9.02
C GLY B 96 -10.12 -22.54 -10.16
N LEU B 97 -9.67 -22.91 -11.36
CA LEU B 97 -10.54 -22.85 -12.52
C LEU B 97 -11.72 -23.82 -12.45
N GLU B 98 -11.48 -25.08 -12.05
CA GLU B 98 -12.59 -26.05 -11.95
C GLU B 98 -13.63 -25.53 -10.92
N ARG B 99 -13.11 -25.04 -9.81
CA ARG B 99 -14.01 -24.54 -8.72
C ARG B 99 -14.81 -23.34 -9.15
N LEU B 100 -14.17 -22.42 -9.85
CA LEU B 100 -14.82 -21.18 -10.26
C LEU B 100 -15.82 -21.44 -11.36
N MET B 101 -15.50 -22.41 -12.23
CA MET B 101 -16.50 -22.88 -13.17
C MET B 101 -17.74 -23.50 -12.52
N LYS B 102 -17.54 -24.23 -11.43
CA LYS B 102 -18.61 -24.87 -10.70
C LYS B 102 -19.54 -23.75 -10.10
N ILE B 103 -18.90 -22.80 -9.47
CA ILE B 103 -19.58 -21.62 -8.87
C ILE B 103 -20.36 -20.87 -9.88
N VAL B 104 -19.74 -20.47 -10.97
CA VAL B 104 -20.41 -19.73 -12.03
C VAL B 104 -21.58 -20.53 -12.60
N SER B 105 -21.36 -21.84 -12.85
CA SER B 105 -22.47 -22.70 -13.36
C SER B 105 -23.66 -22.59 -12.39
N PHE B 106 -23.36 -22.74 -11.10
CA PHE B 106 -24.39 -22.65 -10.04
C PHE B 106 -25.11 -21.29 -10.08
N LEU B 107 -24.32 -20.21 -10.13
CA LEU B 107 -24.92 -18.86 -10.15
C LEU B 107 -25.77 -18.56 -11.38
N GLU B 108 -25.40 -19.16 -12.53
CA GLU B 108 -26.18 -18.94 -13.77
C GLU B 108 -27.56 -19.57 -13.70
N LYS B 109 -27.68 -20.65 -12.94
CA LYS B 109 -28.91 -21.39 -12.83
C LYS B 109 -29.72 -20.96 -11.62
N ALA B 110 -29.04 -20.35 -10.67
CA ALA B 110 -29.68 -20.05 -9.38
C ALA B 110 -30.74 -18.99 -9.55
N ASP B 111 -31.66 -18.99 -8.60
CA ASP B 111 -32.66 -17.97 -8.52
C ASP B 111 -32.03 -16.55 -8.60
N ARG B 112 -32.57 -15.73 -9.50
CA ARG B 112 -32.23 -14.31 -9.66
C ARG B 112 -33.51 -13.52 -9.79
N PHE B 113 -33.47 -12.28 -9.32
CA PHE B 113 -34.66 -11.42 -9.21
C PHE B 113 -34.25 -10.09 -9.77
N HIS B 114 -34.66 -9.81 -11.02
CA HIS B 114 -34.14 -8.75 -11.79
C HIS B 114 -32.59 -8.78 -11.77
N GLY B 115 -32.06 -9.97 -11.96
CA GLY B 115 -30.59 -10.12 -12.03
C GLY B 115 -29.84 -10.25 -10.76
N ALA B 116 -30.49 -10.03 -9.59
CA ALA B 116 -29.84 -10.09 -8.31
C ALA B 116 -30.11 -11.40 -7.64
N TRP B 117 -29.06 -12.05 -7.10
CA TRP B 117 -29.21 -13.22 -6.29
C TRP B 117 -29.87 -12.82 -4.97
N PRO B 118 -30.54 -13.78 -4.31
CA PRO B 118 -31.07 -13.57 -2.96
C PRO B 118 -29.93 -13.67 -1.96
N HIS B 119 -30.21 -13.30 -0.71
CA HIS B 119 -29.22 -13.37 0.39
C HIS B 119 -28.68 -14.80 0.62
N TRP B 120 -29.61 -15.77 0.65
CA TRP B 120 -29.30 -17.16 0.83
C TRP B 120 -29.81 -18.02 -0.31
N LEU B 121 -28.98 -18.99 -0.71
CA LEU B 121 -29.40 -20.04 -1.61
C LEU B 121 -29.20 -21.40 -0.99
N TYR B 122 -30.07 -22.36 -1.38
CA TYR B 122 -29.78 -23.76 -1.05
C TYR B 122 -28.67 -24.22 -1.98
N GLY B 123 -27.52 -24.56 -1.43
CA GLY B 123 -26.40 -25.01 -2.23
C GLY B 123 -26.69 -26.20 -3.12
N GLU B 124 -27.49 -27.12 -2.61
CA GLU B 124 -27.82 -28.33 -3.40
C GLU B 124 -28.80 -28.09 -4.56
N THR B 125 -29.62 -27.02 -4.52
CA THR B 125 -30.62 -26.77 -5.55
C THR B 125 -30.59 -25.48 -6.28
N GLY B 126 -29.92 -24.47 -5.72
CA GLY B 126 -29.92 -23.18 -6.35
C GLY B 126 -31.19 -22.35 -6.07
N LYS B 127 -32.05 -22.80 -5.15
CA LYS B 127 -33.27 -22.01 -4.86
C LYS B 127 -33.06 -21.12 -3.68
N VAL B 128 -33.80 -20.02 -3.70
CA VAL B 128 -33.75 -19.09 -2.60
C VAL B 128 -34.12 -19.76 -1.31
N LYS B 129 -33.43 -19.43 -0.22
CA LYS B 129 -33.94 -19.60 1.11
C LYS B 129 -34.28 -18.21 1.70
N PRO B 130 -35.55 -17.93 1.97
CA PRO B 130 -35.86 -16.62 2.55
C PRO B 130 -35.03 -16.28 3.80
N PHE B 131 -34.50 -15.06 3.86
CA PHE B 131 -33.74 -14.59 5.00
C PHE B 131 -34.82 -13.81 5.79
N GLY B 132 -35.81 -14.49 6.34
CA GLY B 132 -36.91 -13.73 6.91
C GLY B 132 -37.96 -13.80 5.87
N GLN B 133 -39.21 -13.90 6.33
CA GLN B 133 -40.30 -14.24 5.42
C GLN B 133 -40.41 -13.35 4.17
N LYS B 134 -40.31 -12.03 4.36
CA LYS B 134 -40.44 -11.13 3.24
C LYS B 134 -39.16 -10.96 2.35
N ASP B 135 -38.08 -11.51 2.79
CA ASP B 135 -36.77 -11.33 2.11
C ASP B 135 -36.55 -12.66 1.36
N ASN B 136 -37.37 -12.83 0.33
CA ASN B 136 -37.41 -14.05 -0.51
C ASN B 136 -37.12 -13.79 -1.96
N GLY B 137 -36.57 -12.62 -2.27
CA GLY B 137 -36.21 -12.25 -3.58
C GLY B 137 -34.80 -11.71 -3.66
N GLY B 138 -34.62 -10.69 -4.48
CA GLY B 138 -33.27 -10.15 -4.65
C GLY B 138 -32.70 -9.43 -3.42
N ASP B 139 -31.38 -9.56 -3.22
CA ASP B 139 -30.63 -8.84 -2.22
C ASP B 139 -29.48 -8.13 -2.97
N LEU B 140 -29.65 -6.84 -3.22
CA LEU B 140 -28.78 -6.13 -4.13
C LEU B 140 -27.41 -5.86 -3.44
N VAL B 141 -27.38 -5.74 -2.12
CA VAL B 141 -26.13 -5.53 -1.39
C VAL B 141 -25.28 -6.77 -1.47
N GLU B 142 -25.87 -7.95 -1.18
CA GLU B 142 -25.05 -9.22 -1.22
C GLU B 142 -24.67 -9.53 -2.67
N THR B 143 -25.58 -9.21 -3.60
CA THR B 143 -25.29 -9.31 -5.03
C THR B 143 -24.09 -8.44 -5.35
N SER B 144 -24.06 -7.25 -4.78
CA SER B 144 -22.91 -6.32 -5.02
C SER B 144 -21.59 -6.89 -4.51
N PHE B 145 -21.60 -7.52 -3.31
CA PHE B 145 -20.39 -8.18 -2.83
C PHE B 145 -20.00 -9.34 -3.79
N MET B 146 -20.98 -10.11 -4.31
CA MET B 146 -20.69 -11.16 -5.29
C MET B 146 -20.02 -10.56 -6.55
N ILE B 147 -20.63 -9.49 -7.04
CA ILE B 147 -20.12 -8.87 -8.28
C ILE B 147 -18.70 -8.29 -8.07
N GLN B 148 -18.42 -7.67 -6.91
CA GLN B 148 -17.08 -7.17 -6.58
C GLN B 148 -16.09 -8.31 -6.72
N GLY B 149 -16.47 -9.50 -6.23
CA GLY B 149 -15.54 -10.66 -6.34
C GLY B 149 -15.45 -11.21 -7.75
N LEU B 150 -16.59 -11.39 -8.41
CA LEU B 150 -16.61 -11.98 -9.77
C LEU B 150 -15.89 -11.11 -10.74
N LEU B 151 -15.92 -9.79 -10.56
CA LEU B 151 -15.21 -8.92 -11.50
C LEU B 151 -13.70 -9.11 -11.37
N CYS B 152 -13.24 -9.42 -10.18
CA CYS B 152 -11.82 -9.69 -10.01
C CYS B 152 -11.45 -11.00 -10.75
N VAL B 153 -12.32 -12.01 -10.68
CA VAL B 153 -12.05 -13.27 -11.38
C VAL B 153 -12.03 -13.00 -12.90
N ARG B 154 -13.00 -12.21 -13.38
CA ARG B 154 -13.07 -11.85 -14.78
C ARG B 154 -11.76 -11.21 -15.24
N GLN B 155 -11.26 -10.24 -14.49
CA GLN B 155 -9.97 -9.61 -14.81
C GLN B 155 -8.83 -10.62 -14.74
N TYR B 156 -8.86 -11.50 -13.77
CA TYR B 156 -7.75 -12.43 -13.56
C TYR B 156 -7.58 -13.40 -14.79
N PHE B 157 -8.72 -13.84 -15.36
CA PHE B 157 -8.74 -14.92 -16.43
C PHE B 157 -8.92 -14.37 -17.81
N ALA B 158 -9.11 -13.07 -17.91
CA ALA B 158 -9.45 -12.44 -19.19
C ALA B 158 -8.42 -12.75 -20.34
N ASN B 159 -7.16 -12.90 -20.00
CA ASN B 159 -6.11 -13.20 -21.02
C ASN B 159 -5.48 -14.62 -20.87
N GLY B 160 -6.32 -15.53 -20.38
CA GLY B 160 -5.95 -16.89 -20.06
C GLY B 160 -6.13 -17.76 -21.31
N ASN B 161 -6.23 -19.05 -21.05
CA ASN B 161 -6.53 -20.03 -22.09
C ASN B 161 -7.99 -19.91 -22.45
N GLU B 162 -8.43 -20.74 -23.40
CA GLU B 162 -9.75 -20.56 -23.98
C GLU B 162 -10.84 -20.81 -22.96
N GLN B 163 -10.64 -21.74 -22.04
CA GLN B 163 -11.66 -22.11 -21.10
C GLN B 163 -11.74 -21.03 -20.01
N GLU B 164 -10.60 -20.40 -19.76
CA GLU B 164 -10.44 -19.24 -18.83
C GLU B 164 -11.11 -18.01 -19.38
N LYS B 165 -10.85 -17.74 -20.66
CA LYS B 165 -11.51 -16.61 -21.32
C LYS B 165 -13.03 -16.81 -21.38
N ALA B 166 -13.44 -18.07 -21.60
CA ALA B 166 -14.85 -18.41 -21.63
C ALA B 166 -15.48 -18.19 -20.25
N LEU B 167 -14.77 -18.55 -19.20
CA LEU B 167 -15.23 -18.24 -17.87
C LEU B 167 -15.40 -16.75 -17.64
N ALA B 168 -14.38 -15.96 -17.98
CA ALA B 168 -14.45 -14.49 -17.86
C ALA B 168 -15.69 -13.92 -18.61
N ALA B 169 -15.98 -14.43 -19.79
CA ALA B 169 -17.16 -14.00 -20.54
C ALA B 169 -18.45 -14.36 -19.89
N ARG B 170 -18.53 -15.57 -19.32
CA ARG B 170 -19.71 -16.00 -18.58
C ARG B 170 -19.94 -15.06 -17.38
N ILE B 171 -18.87 -14.69 -16.76
CA ILE B 171 -18.98 -13.66 -15.65
C ILE B 171 -19.43 -12.32 -16.12
N ASP B 172 -18.88 -11.85 -17.25
CA ASP B 172 -19.27 -10.63 -17.86
C ASP B 172 -20.80 -10.58 -18.16
N GLN B 173 -21.35 -11.72 -18.56
CA GLN B 173 -22.81 -11.82 -18.76
C GLN B 173 -23.60 -11.71 -17.46
N LEU B 174 -23.14 -12.40 -16.42
CA LEU B 174 -23.81 -12.31 -15.10
C LEU B 174 -23.80 -10.86 -14.58
N TRP B 175 -22.65 -10.23 -14.70
CA TRP B 175 -22.46 -8.78 -14.34
C TRP B 175 -23.43 -7.91 -15.05
N LYS B 176 -23.44 -8.03 -16.36
CA LYS B 176 -24.29 -7.19 -17.16
C LYS B 176 -25.79 -7.40 -16.94
N ALA B 177 -26.18 -8.57 -16.44
CA ALA B 177 -27.59 -8.87 -16.13
C ALA B 177 -28.08 -8.36 -14.82
N VAL B 178 -27.20 -7.87 -13.96
CA VAL B 178 -27.69 -7.33 -12.65
C VAL B 178 -28.42 -5.98 -12.91
N GLU B 179 -29.71 -5.96 -12.63
CA GLU B 179 -30.46 -4.73 -12.96
C GLU B 179 -30.42 -3.74 -11.82
N PHE B 180 -29.27 -3.11 -11.59
CA PHE B 180 -29.21 -2.12 -10.53
C PHE B 180 -30.33 -1.07 -10.64
N SER B 181 -30.55 -0.55 -11.85
CA SER B 181 -31.60 0.45 -12.15
C SER B 181 -32.97 0.00 -11.65
N TRP B 182 -33.27 -1.31 -11.69
CA TRP B 182 -34.59 -1.80 -11.26
C TRP B 182 -34.84 -1.49 -9.76
N TYR B 183 -33.77 -1.63 -8.96
CA TYR B 183 -33.79 -1.44 -7.50
C TYR B 183 -33.96 -0.03 -6.99
N ARG B 184 -33.97 0.95 -7.88
CA ARG B 184 -34.37 2.29 -7.55
C ARG B 184 -35.89 2.41 -7.24
N ASN B 185 -36.69 1.48 -7.75
CA ASN B 185 -38.18 1.70 -7.75
C ASN B 185 -38.56 3.13 -8.17
N GLY B 186 -37.92 3.60 -9.21
CA GLY B 186 -38.17 4.92 -9.71
C GLY B 186 -37.69 6.14 -8.92
N LYS B 187 -36.97 5.95 -7.83
CA LYS B 187 -36.57 7.01 -6.93
C LYS B 187 -35.08 7.25 -7.02
N ASN B 188 -34.59 8.28 -6.34
CA ASN B 188 -33.15 8.61 -6.36
C ASN B 188 -32.39 7.99 -5.16
N VAL B 189 -32.46 6.66 -5.12
CA VAL B 189 -31.84 5.84 -4.11
C VAL B 189 -31.87 4.41 -4.62
N LEU B 190 -31.16 3.51 -3.94
CA LEU B 190 -31.24 2.08 -4.20
C LEU B 190 -31.87 1.39 -3.00
N TYR B 191 -32.88 0.54 -3.26
CA TYR B 191 -33.39 -0.41 -2.31
C TYR B 191 -32.56 -1.67 -2.19
N TRP B 192 -32.48 -2.19 -0.99
CA TRP B 192 -31.65 -3.38 -0.74
C TRP B 192 -32.35 -4.60 -1.31
N HIS B 193 -33.71 -4.58 -1.37
CA HIS B 193 -34.46 -5.81 -1.63
C HIS B 193 -35.54 -5.59 -2.64
N TRP B 194 -35.89 -6.67 -3.33
CA TRP B 194 -37.14 -6.71 -4.13
C TRP B 194 -37.63 -8.14 -4.19
N SER B 195 -38.94 -8.30 -4.07
CA SER B 195 -39.51 -9.64 -4.14
C SER B 195 -40.61 -9.72 -5.20
N PRO B 196 -40.69 -10.86 -5.92
CA PRO B 196 -41.83 -11.01 -6.91
C PRO B 196 -43.19 -10.93 -6.30
N ASN B 197 -43.35 -11.38 -5.06
CA ASN B 197 -44.68 -11.29 -4.40
C ASN B 197 -44.79 -10.21 -3.34
N TYR B 198 -43.73 -10.01 -2.53
CA TYR B 198 -43.73 -8.93 -1.54
C TYR B 198 -43.34 -7.59 -2.12
N LYS B 199 -42.97 -7.57 -3.39
CA LYS B 199 -42.70 -6.37 -4.11
C LYS B 199 -41.64 -5.52 -3.31
N TRP B 200 -42.00 -4.31 -2.93
CA TRP B 200 -41.06 -3.37 -2.25
C TRP B 200 -41.30 -3.31 -0.70
N GLN B 201 -42.02 -4.31 -0.13
CA GLN B 201 -42.40 -4.23 1.28
C GLN B 201 -41.24 -4.31 2.27
N MET B 202 -40.13 -4.96 1.94
CA MET B 202 -38.94 -4.83 2.79
C MET B 202 -38.56 -3.33 3.04
N ASN B 203 -38.74 -2.49 2.02
CA ASN B 203 -38.62 -1.00 2.16
C ASN B 203 -37.36 -0.52 2.88
N PHE B 204 -36.21 -0.97 2.38
CA PHE B 204 -34.94 -0.60 2.98
C PHE B 204 -34.17 0.20 1.96
N PRO B 205 -34.43 1.49 1.89
CA PRO B 205 -33.60 2.35 1.03
C PRO B 205 -32.22 2.49 1.65
N VAL B 206 -31.15 2.26 0.85
CA VAL B 206 -29.79 2.23 1.39
C VAL B 206 -29.13 3.57 1.48
N THR B 207 -29.17 4.15 2.66
CA THR B 207 -28.63 5.46 2.85
C THR B 207 -27.38 5.38 3.75
N GLY B 208 -26.40 6.27 3.48
CA GLY B 208 -25.13 6.19 4.16
C GLY B 208 -25.05 6.97 5.47
N TYR B 209 -23.98 6.81 6.25
CA TYR B 209 -22.84 5.92 5.99
C TYR B 209 -23.00 4.57 6.71
N ASN B 210 -22.84 3.48 5.97
CA ASN B 210 -22.74 2.19 6.54
C ASN B 210 -21.81 1.37 5.63
N GLU B 211 -21.95 0.04 5.64
CA GLU B 211 -20.98 -0.88 4.91
C GLU B 211 -21.22 -0.94 3.42
N CYS B 212 -22.27 -0.31 2.90
CA CYS B 212 -22.81 -0.60 1.56
C CYS B 212 -22.31 0.24 0.38
N LEU B 213 -21.23 1.00 0.55
CA LEU B 213 -20.83 1.89 -0.55
C LEU B 213 -20.68 1.23 -1.90
N ILE B 214 -20.12 0.04 -1.89
CA ILE B 214 -19.75 -0.61 -3.17
C ILE B 214 -20.97 -0.83 -4.07
N MET B 215 -22.12 -0.99 -3.44
CA MET B 215 -23.33 -1.13 -4.22
C MET B 215 -23.51 0.06 -5.19
N TYR B 216 -23.41 1.28 -4.67
CA TYR B 216 -23.61 2.45 -5.46
C TYR B 216 -22.53 2.61 -6.52
N ILE B 217 -21.29 2.27 -6.16
CA ILE B 217 -20.21 2.33 -7.16
C ILE B 217 -20.43 1.36 -8.28
N LEU B 218 -20.85 0.13 -7.95
CA LEU B 218 -21.07 -0.86 -8.99
C LEU B 218 -22.33 -0.50 -9.85
N ALA B 219 -23.34 0.09 -9.19
CA ALA B 219 -24.55 0.55 -9.92
C ALA B 219 -24.16 1.63 -10.93
N ALA B 220 -23.29 2.57 -10.56
CA ALA B 220 -22.84 3.61 -11.48
C ALA B 220 -21.99 3.06 -12.63
N ALA B 221 -21.23 2.04 -12.27
CA ALA B 221 -20.43 1.22 -13.21
C ALA B 221 -21.13 0.40 -14.22
N SER B 222 -22.36 -0.03 -13.95
CA SER B 222 -23.01 -0.99 -14.83
C SER B 222 -23.19 -0.37 -16.24
N PRO B 223 -22.80 -1.10 -17.28
CA PRO B 223 -22.93 -0.47 -18.60
C PRO B 223 -24.35 -0.67 -19.16
N THR B 224 -25.12 -1.58 -18.58
CA THR B 224 -26.40 -2.01 -19.08
C THR B 224 -27.58 -1.59 -18.23
N HIS B 225 -27.34 -1.42 -16.92
CA HIS B 225 -28.47 -1.12 -15.97
C HIS B 225 -28.00 -0.18 -14.90
N GLY B 226 -27.29 0.87 -15.30
CA GLY B 226 -26.68 1.83 -14.40
C GLY B 226 -27.61 2.90 -13.88
N ILE B 227 -27.07 3.66 -12.96
CA ILE B 227 -27.78 4.71 -12.25
C ILE B 227 -27.18 6.04 -12.67
N PRO B 228 -28.01 7.08 -12.73
CA PRO B 228 -27.49 8.40 -12.75
C PRO B 228 -26.93 8.81 -11.41
N ALA B 229 -26.07 9.80 -11.45
CA ALA B 229 -25.32 10.18 -10.27
C ALA B 229 -26.16 10.67 -9.15
N GLU B 230 -27.34 11.25 -9.44
CA GLU B 230 -28.18 11.73 -8.35
C GLU B 230 -28.71 10.63 -7.42
N VAL B 231 -28.72 9.39 -7.88
CA VAL B 231 -29.11 8.28 -7.05
C VAL B 231 -28.11 8.17 -5.93
N TYR B 232 -26.86 8.42 -6.26
CA TYR B 232 -25.78 8.39 -5.25
C TYR B 232 -25.79 9.62 -4.38
N HIS B 233 -25.80 10.81 -4.99
CA HIS B 233 -25.70 12.06 -4.21
C HIS B 233 -26.94 12.30 -3.36
N GLU B 234 -28.13 12.08 -3.91
CA GLU B 234 -29.36 12.22 -3.07
C GLU B 234 -29.67 11.03 -2.18
N GLY B 235 -29.55 9.82 -2.71
CA GLY B 235 -29.92 8.65 -1.91
C GLY B 235 -28.90 8.22 -0.90
N TRP B 236 -27.74 7.73 -1.39
CA TRP B 236 -26.66 7.34 -0.48
C TRP B 236 -26.17 8.45 0.41
N ALA B 237 -25.83 9.56 -0.22
CA ALA B 237 -25.15 10.62 0.52
C ALA B 237 -26.15 11.62 1.15
N LYS B 238 -27.43 11.44 0.92
CA LYS B 238 -28.44 12.26 1.64
C LYS B 238 -28.24 13.75 1.35
N SER B 239 -27.91 14.03 0.09
CA SER B 239 -27.58 15.36 -0.39
C SER B 239 -26.62 16.08 0.53
N GLY B 240 -25.63 15.38 1.10
CA GLY B 240 -24.66 16.02 1.95
C GLY B 240 -24.74 15.76 3.41
N ALA B 241 -25.87 15.20 3.85
CA ALA B 241 -26.02 14.90 5.25
C ALA B 241 -25.30 13.66 5.74
N ILE B 242 -24.71 12.93 4.84
CA ILE B 242 -23.73 11.94 5.26
C ILE B 242 -22.45 12.52 5.86
N LYS B 243 -22.14 13.81 5.58
CA LYS B 243 -21.04 14.45 6.25
C LYS B 243 -21.29 14.70 7.71
N ASP B 244 -20.29 14.44 8.54
CA ASP B 244 -20.40 14.56 10.00
C ASP B 244 -19.06 14.94 10.55
N SER B 245 -18.96 15.01 11.88
CA SER B 245 -17.70 15.20 12.57
C SER B 245 -17.78 14.48 13.90
N ILE B 246 -17.37 13.22 13.92
CA ILE B 246 -17.41 12.35 15.09
C ILE B 246 -15.92 12.31 15.59
N ASN B 247 -15.58 12.94 16.73
CA ASN B 247 -14.23 12.86 17.35
C ASN B 247 -14.19 11.88 18.50
N ALA B 248 -13.30 10.90 18.47
CA ALA B 248 -13.02 10.01 19.61
C ALA B 248 -11.54 9.72 19.68
N TYR B 249 -11.00 9.87 20.91
CA TYR B 249 -9.58 9.63 21.20
C TYR B 249 -8.65 10.38 20.29
N GLY B 250 -9.08 11.50 19.76
CA GLY B 250 -8.30 12.34 18.94
C GLY B 250 -8.30 12.03 17.47
N HIS B 251 -9.16 11.13 17.04
CA HIS B 251 -9.28 10.77 15.66
C HIS B 251 -10.66 11.25 15.21
N THR B 252 -10.75 11.76 14.02
CA THR B 252 -12.04 12.25 13.53
C THR B 252 -12.61 11.40 12.40
N LEU B 253 -13.92 11.13 12.46
CA LEU B 253 -14.64 10.56 11.33
C LEU B 253 -15.47 11.64 10.73
N LYS B 254 -15.43 11.78 9.42
CA LYS B 254 -16.18 12.80 8.75
C LYS B 254 -17.39 12.25 8.01
N LEU B 255 -17.67 10.97 8.24
CA LEU B 255 -18.86 10.30 7.69
C LEU B 255 -19.78 9.99 8.85
N SER B 256 -21.06 10.11 8.58
CA SER B 256 -22.10 9.88 9.55
C SER B 256 -22.45 8.39 9.64
N HIS B 257 -21.76 7.68 10.54
CA HIS B 257 -21.95 6.25 10.77
C HIS B 257 -23.34 6.00 11.38
N ASN B 258 -24.18 5.38 10.57
CA ASN B 258 -25.60 5.16 10.93
C ASN B 258 -25.75 4.56 12.29
N PHE B 259 -26.51 5.25 13.13
CA PHE B 259 -26.77 4.74 14.47
C PHE B 259 -25.53 4.54 15.36
N ALA B 260 -24.45 5.22 15.05
CA ALA B 260 -23.15 4.89 15.71
C ALA B 260 -22.22 6.13 15.65
N LYS B 261 -22.76 7.21 16.19
CA LYS B 261 -22.22 8.58 16.08
C LYS B 261 -21.20 8.92 17.13
N GLU B 262 -20.88 8.04 18.04
CA GLU B 262 -19.86 8.33 19.01
C GLU B 262 -18.50 7.75 18.59
N TYR B 263 -18.55 6.50 18.11
CA TYR B 263 -17.34 5.73 17.82
C TYR B 263 -17.26 5.17 16.39
N GLY B 264 -18.32 5.32 15.60
CA GLY B 264 -18.42 4.59 14.33
C GLY B 264 -19.03 3.21 14.54
N GLY B 265 -19.53 2.58 13.48
CA GLY B 265 -20.12 1.25 13.56
C GLY B 265 -19.15 0.10 13.75
N PRO B 266 -19.65 -1.12 13.71
CA PRO B 266 -18.83 -2.30 13.68
C PRO B 266 -17.71 -2.15 12.64
N LEU B 267 -16.54 -2.68 12.95
CA LEU B 267 -15.35 -2.38 12.14
C LEU B 267 -15.47 -2.91 10.71
N PHE B 268 -16.30 -3.91 10.48
CA PHE B 268 -16.45 -4.46 9.09
C PHE B 268 -16.89 -3.42 8.06
N TRP B 269 -17.46 -2.29 8.49
CA TRP B 269 -17.85 -1.30 7.49
C TRP B 269 -16.65 -0.74 6.76
N SER B 270 -15.47 -0.85 7.35
CA SER B 270 -14.24 -0.40 6.66
C SER B 270 -13.57 -1.55 5.86
N HIS B 271 -14.27 -2.69 5.76
CA HIS B 271 -13.77 -3.88 5.05
C HIS B 271 -14.51 -4.23 3.79
N TYR B 272 -15.83 -4.50 3.88
CA TYR B 272 -16.57 -5.13 2.77
C TYR B 272 -16.55 -4.40 1.43
N SER B 273 -16.71 -3.10 1.50
CA SER B 273 -16.79 -2.29 0.34
C SER B 273 -15.36 -1.88 -0.19
N TYR B 274 -14.32 -2.38 0.49
CA TYR B 274 -12.98 -1.98 0.25
C TYR B 274 -12.08 -3.20 -0.05
N LEU B 275 -12.70 -4.31 -0.38
CA LEU B 275 -11.97 -5.53 -0.69
C LEU B 275 -11.43 -5.46 -2.11
N GLY B 276 -12.25 -4.94 -3.00
CA GLY B 276 -11.87 -4.72 -4.40
C GLY B 276 -11.54 -3.24 -4.64
N LEU B 277 -12.44 -2.34 -4.21
CA LEU B 277 -12.23 -0.94 -4.23
C LEU B 277 -11.11 -0.51 -3.32
N ASP B 278 -9.97 -0.07 -3.87
CA ASP B 278 -8.82 0.25 -3.04
C ASP B 278 -9.10 1.57 -2.37
N PRO B 279 -9.04 1.61 -1.06
CA PRO B 279 -9.27 2.90 -0.39
C PRO B 279 -8.05 3.84 -0.40
N HIS B 280 -6.88 3.37 -0.86
CA HIS B 280 -5.69 4.28 -0.91
C HIS B 280 -5.97 5.39 -1.86
N GLY B 281 -5.89 6.63 -1.40
CA GLY B 281 -6.07 7.80 -2.24
C GLY B 281 -7.49 7.99 -2.78
N LEU B 282 -8.42 7.19 -2.27
CA LEU B 282 -9.84 7.23 -2.68
C LEU B 282 -10.49 8.36 -1.94
N LYS B 283 -11.09 9.26 -2.71
CA LYS B 283 -11.75 10.39 -2.10
C LYS B 283 -12.87 10.90 -3.00
N ASP B 284 -13.85 11.58 -2.38
CA ASP B 284 -14.89 12.29 -3.17
C ASP B 284 -15.31 13.49 -2.33
N ARG B 285 -16.36 14.18 -2.75
CA ARG B 285 -16.73 15.39 -2.02
C ARG B 285 -17.19 15.14 -0.58
N TYR B 286 -17.56 13.90 -0.23
CA TYR B 286 -18.03 13.58 1.12
C TYR B 286 -16.95 13.14 2.08
N ALA B 287 -15.86 12.55 1.58
CA ALA B 287 -14.81 12.08 2.47
C ALA B 287 -13.55 11.66 1.78
N ASP B 288 -12.52 11.56 2.58
CA ASP B 288 -11.25 10.89 2.27
C ASP B 288 -11.39 9.53 2.85
N TYR B 289 -11.50 8.50 2.00
CA TYR B 289 -11.91 7.19 2.47
C TYR B 289 -10.75 6.50 3.20
N TRP B 290 -9.52 6.78 2.79
CA TRP B 290 -8.35 6.15 3.51
C TRP B 290 -8.40 6.67 4.96
N GLU B 291 -8.50 7.96 5.09
CA GLU B 291 -8.42 8.60 6.41
C GLU B 291 -9.60 8.13 7.28
N ASN B 292 -10.80 8.14 6.73
CA ASN B 292 -11.99 7.65 7.48
C ASN B 292 -11.96 6.23 7.84
N ASN B 293 -11.47 5.34 6.96
CA ASN B 293 -11.35 3.90 7.25
C ASN B 293 -10.28 3.66 8.29
N LEU B 294 -9.11 4.30 8.11
CA LEU B 294 -8.06 4.14 9.09
C LEU B 294 -8.47 4.67 10.45
N ASN B 295 -9.05 5.88 10.49
CA ASN B 295 -9.50 6.42 11.78
C ASN B 295 -10.57 5.56 12.49
N HIS B 296 -11.46 4.95 11.70
CA HIS B 296 -12.41 3.95 12.22
C HIS B 296 -11.74 2.83 12.94
N VAL B 297 -10.70 2.24 12.32
CA VAL B 297 -9.86 1.25 12.97
C VAL B 297 -9.18 1.72 14.23
N LEU B 298 -8.53 2.86 14.16
CA LEU B 298 -7.77 3.38 15.27
C LEU B 298 -8.69 3.67 16.46
N ILE B 299 -9.88 4.17 16.19
CA ILE B 299 -10.87 4.43 17.29
C ILE B 299 -11.32 3.12 17.95
N ASN B 300 -11.54 2.10 17.11
CA ASN B 300 -11.89 0.76 17.60
C ASN B 300 -10.82 0.16 18.48
N ARG B 301 -9.58 0.09 17.98
CA ARG B 301 -8.45 -0.34 18.77
C ARG B 301 -8.30 0.44 20.12
N GLU B 302 -8.35 1.76 20.05
CA GLU B 302 -8.17 2.62 21.28
C GLU B 302 -9.23 2.33 22.33
N TRP B 303 -10.49 2.16 21.89
CA TRP B 303 -11.54 1.70 22.80
C TRP B 303 -11.10 0.42 23.49
N CYS B 304 -10.61 -0.58 22.72
CA CYS B 304 -10.22 -1.85 23.32
C CYS B 304 -9.04 -1.66 24.28
N ILE B 305 -8.15 -0.74 23.95
CA ILE B 305 -7.01 -0.47 24.81
C ILE B 305 -7.48 0.23 26.12
N GLN B 306 -8.32 1.23 26.02
CA GLN B 306 -8.85 1.90 27.22
C GLN B 306 -9.68 0.95 28.03
N ASN B 307 -10.36 0.00 27.37
CA ASN B 307 -11.16 -1.05 28.01
C ASN B 307 -12.04 -0.49 29.15
N PRO B 308 -12.91 0.47 28.84
CA PRO B 308 -13.70 1.10 29.89
C PRO B 308 -14.64 0.16 30.61
N LYS B 309 -14.95 -1.00 30.03
CA LYS B 309 -15.81 -1.98 30.68
C LYS B 309 -15.06 -3.02 31.45
N HIS B 310 -13.71 -2.96 31.44
CA HIS B 310 -12.84 -3.83 32.19
C HIS B 310 -12.99 -5.29 31.84
N TYR B 311 -13.06 -5.60 30.55
CA TYR B 311 -13.15 -6.96 30.13
C TYR B 311 -11.83 -7.61 30.17
N LYS B 312 -11.81 -8.91 30.38
CA LYS B 312 -10.60 -9.68 30.47
C LYS B 312 -9.90 -9.79 29.08
N GLY B 313 -8.60 -9.54 29.05
CA GLY B 313 -7.73 -9.83 27.91
C GLY B 313 -7.69 -8.74 26.81
N TYR B 314 -8.44 -7.66 27.00
CA TYR B 314 -8.41 -6.51 26.11
C TYR B 314 -7.11 -5.73 26.19
N GLY B 315 -6.58 -5.37 25.04
CA GLY B 315 -5.33 -4.64 25.03
C GLY B 315 -4.76 -4.46 23.63
N PRO B 316 -3.58 -3.88 23.55
CA PRO B 316 -2.97 -3.78 22.21
C PRO B 316 -2.70 -5.14 21.58
N ASP B 317 -2.61 -6.24 22.34
CA ASP B 317 -2.44 -7.56 21.76
C ASP B 317 -3.73 -8.36 21.52
N SER B 318 -4.89 -7.75 21.79
CA SER B 318 -6.19 -8.39 21.62
C SER B 318 -7.24 -7.31 21.54
N TRP B 319 -7.60 -6.94 20.33
CA TRP B 319 -8.51 -5.87 20.07
C TRP B 319 -9.33 -6.14 18.82
N GLY B 320 -10.30 -5.32 18.61
CA GLY B 320 -11.17 -5.36 17.36
C GLY B 320 -12.59 -5.89 17.59
N LEU B 321 -13.55 -4.99 17.48
CA LEU B 321 -14.97 -5.24 17.75
C LEU B 321 -15.76 -5.08 16.47
N THR B 322 -16.46 -6.12 16.11
CA THR B 322 -17.31 -6.08 14.96
C THR B 322 -18.43 -7.10 15.10
N ALA B 323 -19.38 -7.05 14.15
CA ALA B 323 -20.52 -8.04 14.12
C ALA B 323 -20.05 -9.45 13.94
N SER B 324 -20.54 -10.38 14.77
CA SER B 324 -20.13 -11.73 14.78
C SER B 324 -21.02 -12.54 15.77
N TYR B 325 -20.84 -13.83 15.76
CA TYR B 325 -21.36 -14.62 16.86
C TYR B 325 -20.97 -13.95 18.20
N SER B 326 -21.86 -14.12 19.20
CA SER B 326 -21.67 -13.54 20.50
C SER B 326 -22.19 -14.50 21.56
N VAL B 327 -21.89 -14.18 22.81
CA VAL B 327 -22.20 -15.07 23.94
C VAL B 327 -23.66 -15.52 23.85
N LYS B 328 -24.59 -14.59 23.60
CA LYS B 328 -26.05 -14.89 23.59
C LYS B 328 -26.64 -15.10 22.23
N GLY B 329 -25.84 -15.16 21.17
CA GLY B 329 -26.37 -15.40 19.84
C GLY B 329 -25.42 -14.73 18.84
N TYR B 330 -25.83 -13.58 18.36
CA TYR B 330 -25.06 -12.83 17.36
C TYR B 330 -25.32 -11.41 17.67
N ALA B 331 -24.28 -10.57 17.61
CA ALA B 331 -24.47 -9.17 17.93
C ALA B 331 -23.51 -8.33 17.07
N ALA B 332 -23.97 -7.12 16.77
CA ALA B 332 -23.21 -6.06 16.07
C ALA B 332 -22.25 -5.34 17.02
N HIS B 333 -21.22 -6.09 17.48
CA HIS B 333 -20.27 -5.52 18.42
C HIS B 333 -19.59 -4.31 17.84
N ALA B 334 -19.28 -3.35 18.69
CA ALA B 334 -18.65 -2.11 18.30
C ALA B 334 -18.22 -1.43 19.57
N PRO B 335 -17.44 -0.38 19.45
CA PRO B 335 -17.13 0.40 20.63
C PRO B 335 -18.42 1.05 21.21
N GLY B 336 -18.36 1.31 22.52
CA GLY B 336 -19.45 1.97 23.24
C GLY B 336 -20.06 1.09 24.31
N GLU B 337 -20.65 1.79 25.30
CA GLU B 337 -21.17 1.13 26.49
C GLU B 337 -22.13 0.05 26.14
N ASN B 338 -23.01 0.33 25.19
CA ASN B 338 -24.04 -0.63 24.84
C ASN B 338 -23.65 -1.64 23.78
N ASN B 339 -22.56 -1.40 23.05
CA ASN B 339 -22.21 -2.32 21.94
C ASN B 339 -21.05 -3.27 22.22
N ASP B 340 -20.16 -2.97 23.15
CA ASP B 340 -19.03 -3.84 23.50
C ASP B 340 -19.49 -4.85 24.54
N LEU B 341 -19.57 -6.12 24.18
CA LEU B 341 -20.12 -7.16 25.06
C LEU B 341 -19.01 -8.05 25.57
N GLY B 342 -17.78 -7.59 25.47
CA GLY B 342 -16.62 -8.38 25.88
C GLY B 342 -16.18 -9.41 24.86
N VAL B 343 -16.72 -9.29 23.64
CA VAL B 343 -16.45 -10.29 22.56
C VAL B 343 -15.47 -9.65 21.56
N ILE B 344 -14.33 -10.29 21.39
CA ILE B 344 -13.32 -9.91 20.36
C ILE B 344 -13.55 -10.83 19.19
N SER B 345 -13.64 -10.28 17.98
CA SER B 345 -13.86 -11.13 16.78
C SER B 345 -12.67 -10.90 15.84
N PRO B 346 -11.83 -11.89 15.67
CA PRO B 346 -10.54 -11.75 14.95
C PRO B 346 -10.66 -11.11 13.57
N THR B 347 -11.79 -11.28 12.86
CA THR B 347 -11.95 -10.52 11.56
C THR B 347 -11.78 -9.01 11.65
N ALA B 348 -12.07 -8.41 12.83
CA ALA B 348 -11.96 -6.98 12.95
C ALA B 348 -10.51 -6.50 12.82
N ALA B 349 -9.60 -7.03 13.67
CA ALA B 349 -8.22 -6.60 13.59
C ALA B 349 -7.55 -7.16 12.32
N LEU B 350 -7.86 -8.38 12.00
CA LEU B 350 -7.12 -9.08 10.90
C LEU B 350 -7.45 -8.47 9.55
N SER B 351 -8.72 -8.15 9.31
CA SER B 351 -9.11 -7.65 8.02
C SER B 351 -8.69 -6.17 7.91
N SER B 352 -8.33 -5.55 9.03
CA SER B 352 -7.79 -4.22 9.06
C SER B 352 -6.27 -4.17 8.76
N MET B 353 -5.68 -5.30 8.43
CA MET B 353 -4.25 -5.44 8.13
C MET B 353 -3.72 -4.35 7.17
N PRO B 354 -4.46 -3.97 6.14
CA PRO B 354 -3.86 -2.91 5.28
C PRO B 354 -3.75 -1.54 5.89
N TYR B 355 -4.66 -1.23 6.80
CA TYR B 355 -4.64 0.05 7.43
C TYR B 355 -3.67 0.14 8.59
N THR B 356 -3.65 -0.89 9.46
CA THR B 356 -2.84 -0.90 10.68
C THR B 356 -2.02 -2.15 10.80
N PRO B 357 -1.04 -2.29 9.93
CA PRO B 357 -0.47 -3.66 9.80
C PRO B 357 0.28 -4.10 11.08
N GLU B 358 1.01 -3.17 11.73
CA GLU B 358 1.79 -3.66 12.90
C GLU B 358 0.85 -3.90 14.06
N TYR B 359 -0.23 -3.10 14.15
CA TYR B 359 -1.21 -3.33 15.23
C TYR B 359 -2.04 -4.58 15.03
N SER B 360 -2.36 -4.88 13.79
CA SER B 360 -3.07 -6.12 13.41
C SER B 360 -2.21 -7.31 13.62
N LYS B 361 -0.93 -7.22 13.23
CA LYS B 361 0.01 -8.29 13.45
C LYS B 361 0.23 -8.56 14.94
N GLN B 362 0.19 -7.48 15.74
CA GLN B 362 0.42 -7.61 17.21
C GLN B 362 -0.63 -8.56 17.83
N ALA B 363 -1.87 -8.41 17.41
CA ALA B 363 -2.94 -9.23 17.93
C ALA B 363 -2.80 -10.60 17.35
N MET B 364 -2.56 -10.68 16.02
CA MET B 364 -2.37 -11.98 15.36
C MET B 364 -1.36 -12.86 16.06
N VAL B 365 -0.20 -12.26 16.36
CA VAL B 365 0.90 -12.99 16.95
C VAL B 365 0.52 -13.50 18.38
N HIS B 366 -0.07 -12.65 19.17
CA HIS B 366 -0.53 -13.06 20.53
C HIS B 366 -1.55 -14.20 20.45
N TRP B 367 -2.54 -14.05 19.57
CA TRP B 367 -3.56 -15.06 19.41
C TRP B 367 -3.00 -16.40 18.98
N TYR B 368 -2.05 -16.36 18.07
CA TYR B 368 -1.45 -17.61 17.56
C TYR B 368 -0.50 -18.26 18.58
N ASN B 369 0.41 -17.46 19.10
CA ASN B 369 1.45 -18.02 20.01
C ASN B 369 0.89 -18.40 21.34
N ASP B 370 -0.05 -17.60 21.85
CA ASP B 370 -0.52 -17.72 23.23
C ASP B 370 -1.88 -18.39 23.32
N MET B 371 -2.73 -18.30 22.27
CA MET B 371 -4.12 -18.71 22.37
C MET B 371 -4.58 -19.71 21.36
N ARG B 372 -3.65 -20.28 20.59
CA ARG B 372 -4.13 -21.04 19.45
C ARG B 372 -4.92 -22.32 19.77
N THR B 373 -4.59 -23.00 20.91
CA THR B 373 -5.40 -24.16 21.34
C THR B 373 -6.88 -23.81 21.50
N LYS B 374 -7.18 -22.60 21.95
CA LYS B 374 -8.57 -22.19 22.17
C LYS B 374 -9.22 -21.58 20.95
N ILE B 375 -8.47 -20.75 20.18
CA ILE B 375 -9.13 -19.93 19.14
C ILE B 375 -8.68 -20.09 17.66
N PHE B 376 -7.75 -21.03 17.38
CA PHE B 376 -7.29 -21.34 16.02
C PHE B 376 -7.64 -22.74 15.64
N GLY B 377 -8.36 -22.92 14.55
CA GLY B 377 -8.83 -24.22 14.07
C GLY B 377 -8.51 -24.46 12.62
N LYS B 378 -9.20 -25.43 12.01
CA LYS B 378 -8.78 -25.93 10.74
C LYS B 378 -9.00 -24.88 9.60
N TYR B 379 -9.96 -23.96 9.81
CA TYR B 379 -10.19 -22.86 8.86
C TYR B 379 -9.77 -21.50 9.44
N GLY B 380 -8.70 -21.48 10.21
CA GLY B 380 -8.16 -20.26 10.80
C GLY B 380 -8.77 -19.93 12.15
N PHE B 381 -8.66 -18.67 12.55
CA PHE B 381 -9.18 -18.24 13.82
C PHE B 381 -10.70 -18.42 13.80
N TYR B 382 -11.25 -18.87 14.94
CA TYR B 382 -12.71 -18.93 15.06
C TYR B 382 -13.34 -17.54 15.07
N ASP B 383 -14.64 -17.53 15.04
CA ASP B 383 -15.35 -16.33 14.76
C ASP B 383 -15.26 -15.25 15.81
N ALA B 384 -15.24 -15.64 17.07
CA ALA B 384 -15.36 -14.68 18.16
C ALA B 384 -14.96 -15.43 19.44
N PHE B 385 -14.57 -14.70 20.43
CA PHE B 385 -14.36 -15.27 21.77
C PHE B 385 -14.52 -14.19 22.85
N SER B 386 -14.81 -14.64 24.09
CA SER B 386 -14.85 -13.74 25.26
C SER B 386 -13.95 -14.37 26.31
N GLU B 387 -12.81 -13.77 26.60
CA GLU B 387 -12.00 -14.23 27.75
C GLU B 387 -12.75 -14.04 29.08
N THR B 388 -13.54 -12.98 29.15
CA THR B 388 -14.32 -12.60 30.35
C THR B 388 -15.28 -13.76 30.70
N GLU B 389 -15.96 -14.30 29.68
CA GLU B 389 -16.93 -15.37 29.91
C GLU B 389 -16.43 -16.77 29.58
N ASN B 390 -15.11 -16.93 29.41
CA ASN B 390 -14.55 -18.21 29.06
C ASN B 390 -15.22 -18.91 27.86
N TRP B 391 -15.52 -18.12 26.81
CA TRP B 391 -16.36 -18.57 25.72
C TRP B 391 -15.48 -18.63 24.45
N TYR B 392 -15.23 -19.82 23.95
CA TYR B 392 -14.33 -20.06 22.79
C TYR B 392 -15.02 -20.96 21.76
N PRO B 393 -16.10 -20.47 21.15
CA PRO B 393 -16.83 -21.33 20.22
C PRO B 393 -16.01 -21.79 19.01
N GLN B 394 -16.22 -23.01 18.58
CA GLN B 394 -15.45 -23.59 17.47
C GLN B 394 -16.33 -23.47 16.25
N GLN B 395 -16.50 -22.21 15.81
CA GLN B 395 -17.50 -21.85 14.81
C GLN B 395 -16.93 -20.73 13.89
N TYR B 396 -17.39 -20.78 12.68
CA TYR B 396 -16.92 -19.89 11.62
C TYR B 396 -18.07 -19.37 10.80
N LEU B 397 -17.88 -18.17 10.24
CA LEU B 397 -18.81 -17.56 9.31
C LEU B 397 -18.06 -17.13 8.07
N ALA B 398 -18.63 -17.38 6.91
CA ALA B 398 -18.03 -16.93 5.66
C ALA B 398 -17.73 -15.43 5.64
N ILE B 399 -18.71 -14.65 6.05
CA ILE B 399 -18.53 -13.19 6.04
C ILE B 399 -17.42 -12.64 6.94
N ASP B 400 -16.96 -13.44 7.90
CA ASP B 400 -15.90 -13.08 8.76
C ASP B 400 -14.56 -13.67 8.29
N GLN B 401 -14.56 -14.88 7.74
CA GLN B 401 -13.28 -15.47 7.32
C GLN B 401 -12.82 -14.80 5.97
N GLY B 402 -13.74 -14.44 5.14
CA GLY B 402 -13.44 -13.98 3.76
C GLY B 402 -12.61 -12.70 3.75
N PRO B 403 -13.01 -11.69 4.53
CA PRO B 403 -12.27 -10.40 4.48
C PRO B 403 -10.90 -10.60 5.07
N ILE B 404 -10.70 -11.56 5.98
CA ILE B 404 -9.37 -11.81 6.52
C ILE B 404 -8.41 -12.21 5.39
N VAL B 405 -8.80 -13.23 4.62
CA VAL B 405 -7.93 -13.74 3.54
C VAL B 405 -7.65 -12.57 2.54
N VAL B 406 -8.71 -11.91 2.15
CA VAL B 406 -8.65 -10.87 1.13
C VAL B 406 -7.82 -9.66 1.53
N MET B 407 -8.04 -9.13 2.76
CA MET B 407 -7.31 -8.00 3.22
C MET B 407 -5.92 -8.32 3.61
N MET B 408 -5.69 -9.52 4.13
CA MET B 408 -4.29 -9.91 4.36
C MET B 408 -3.49 -9.91 3.04
N GLU B 409 -4.09 -10.48 2.00
CA GLU B 409 -3.49 -10.53 0.67
C GLU B 409 -3.35 -9.15 0.09
N ASN B 410 -4.39 -8.32 0.19
CA ASN B 410 -4.23 -6.94 -0.31
C ASN B 410 -3.08 -6.19 0.38
N TYR B 411 -2.91 -6.34 1.69
CA TYR B 411 -1.77 -5.76 2.37
C TYR B 411 -0.41 -6.18 1.71
N ARG B 412 -0.26 -7.46 1.44
CA ARG B 412 0.96 -8.03 0.86
C ARG B 412 1.20 -7.60 -0.58
N SER B 413 0.18 -7.73 -1.39
CA SER B 413 0.35 -7.66 -2.88
C SER B 413 -0.61 -6.74 -3.62
N GLY B 414 -1.60 -6.18 -2.91
CA GLY B 414 -2.74 -5.53 -3.62
C GLY B 414 -3.41 -6.34 -4.71
N LEU B 415 -3.39 -7.68 -4.66
CA LEU B 415 -3.90 -8.49 -5.69
C LEU B 415 -5.36 -8.17 -6.09
N LEU B 416 -6.29 -8.17 -5.12
CA LEU B 416 -7.73 -7.90 -5.46
C LEU B 416 -7.91 -6.47 -5.86
N TRP B 417 -7.25 -5.52 -5.17
CA TRP B 417 -7.33 -4.12 -5.52
C TRP B 417 -6.95 -3.90 -6.97
N LYS B 418 -5.82 -4.49 -7.37
CA LYS B 418 -5.33 -4.22 -8.72
C LYS B 418 -6.26 -4.82 -9.77
N LEU B 419 -6.78 -6.01 -9.50
CA LEU B 419 -7.76 -6.64 -10.38
C LEU B 419 -9.03 -5.76 -10.51
N PHE B 420 -9.60 -5.41 -9.36
CA PHE B 420 -10.92 -4.72 -9.40
C PHE B 420 -10.82 -3.34 -10.02
N MET B 421 -9.83 -2.56 -9.58
CA MET B 421 -9.60 -1.22 -10.06
C MET B 421 -9.27 -1.16 -11.57
N SER B 422 -8.81 -2.27 -12.10
CA SER B 422 -8.51 -2.33 -13.55
C SER B 422 -9.75 -2.47 -14.47
N CYS B 423 -10.92 -2.80 -13.93
CA CYS B 423 -12.13 -2.91 -14.73
C CYS B 423 -12.45 -1.55 -15.31
N PRO B 424 -12.55 -1.48 -16.66
CA PRO B 424 -12.95 -0.23 -17.29
C PRO B 424 -14.29 0.35 -16.72
N GLU B 425 -15.19 -0.55 -16.40
CA GLU B 425 -16.47 -0.12 -15.87
C GLU B 425 -16.35 0.53 -14.52
N VAL B 426 -15.47 -0.03 -13.67
CA VAL B 426 -15.19 0.55 -12.35
C VAL B 426 -14.63 1.95 -12.46
N GLN B 427 -13.65 2.11 -13.34
CA GLN B 427 -13.09 3.44 -13.59
C GLN B 427 -14.16 4.43 -14.07
N ALA B 428 -15.03 3.97 -14.95
CA ALA B 428 -16.06 4.85 -15.49
C ALA B 428 -17.09 5.21 -14.43
N GLY B 429 -17.44 4.23 -13.59
CA GLY B 429 -18.37 4.51 -12.46
C GLY B 429 -17.83 5.50 -11.48
N LEU B 430 -16.58 5.29 -11.10
CA LEU B 430 -15.97 6.19 -10.19
C LEU B 430 -15.96 7.61 -10.75
N LYS B 431 -15.65 7.73 -12.03
CA LYS B 431 -15.58 9.08 -12.60
C LYS B 431 -17.02 9.67 -12.67
N LYS B 432 -18.01 8.84 -12.99
CA LYS B 432 -19.43 9.33 -13.04
C LYS B 432 -19.88 9.85 -11.69
N LEU B 433 -19.37 9.22 -10.59
CA LEU B 433 -19.64 9.68 -9.27
C LEU B 433 -18.72 10.73 -8.66
N ASP B 434 -17.79 11.21 -9.48
CA ASP B 434 -16.85 12.22 -9.09
C ASP B 434 -15.91 11.79 -7.98
N PHE B 435 -15.55 10.52 -8.01
CA PHE B 435 -14.45 10.06 -7.13
C PHE B 435 -13.10 10.31 -7.81
N GLN B 436 -12.12 10.48 -6.96
CA GLN B 436 -10.72 10.52 -7.30
C GLN B 436 -10.03 9.28 -6.71
N SER B 437 -9.06 8.78 -7.45
CA SER B 437 -8.25 7.64 -7.02
C SER B 437 -6.98 7.64 -7.86
N PRO B 438 -5.86 7.22 -7.29
CA PRO B 438 -4.63 7.11 -8.09
C PRO B 438 -4.74 6.12 -9.25
N TYR B 439 -5.71 5.19 -9.25
CA TYR B 439 -5.85 4.26 -10.37
C TYR B 439 -6.50 4.91 -11.60
N LEU B 440 -7.15 6.04 -11.44
CA LEU B 440 -7.90 6.57 -12.60
C LEU B 440 -6.97 7.20 -13.63
N LYS B 441 -7.23 6.95 -14.89
CA LYS B 441 -6.41 7.43 -16.03
C LYS B 441 -6.92 8.83 -16.41
N LEU B 442 -6.08 9.85 -16.30
CA LEU B 442 -6.38 11.25 -16.71
C LEU B 442 -6.53 11.25 -18.21
N GLU B 443 -7.50 11.98 -18.71
CA GLU B 443 -7.52 12.30 -20.13
C GLU B 443 -7.01 13.77 -20.20
N HIS B 444 -6.09 14.01 -21.14
CA HIS B 444 -5.49 15.36 -21.32
C HIS B 444 -6.34 16.17 -22.34
N HIS B 445 -6.46 17.47 -22.04
CA HIS B 445 -7.17 18.40 -22.93
C HIS B 445 -6.27 19.60 -23.18
N HIS B 446 -6.21 20.05 -24.41
CA HIS B 446 -5.56 21.32 -24.73
C HIS B 446 -6.46 22.47 -24.19
N HIS B 447 -6.00 23.74 -24.28
CA HIS B 447 -6.72 24.80 -23.53
C HIS B 447 -8.14 25.03 -23.98
N HIS B 448 -8.33 24.92 -25.27
CA HIS B 448 -9.61 25.39 -25.91
C HIS B 448 -10.41 24.30 -26.51
N HIS B 449 -9.74 23.30 -27.10
CA HIS B 449 -10.36 22.15 -27.71
C HIS B 449 -9.94 20.85 -27.05
#